data_1DJZ
#
_entry.id   1DJZ
#
_cell.length_a   396.490
_cell.length_b   396.490
_cell.length_c   396.490
_cell.angle_alpha   90.00
_cell.angle_beta   90.00
_cell.angle_gamma   90.00
#
_symmetry.space_group_name_H-M   'F 41 3 2'
#
loop_
_entity.id
_entity.type
_entity.pdbx_description
1 polymer 'PHOSPHOINOSITIDE-SPECIFIC PHOSPHOLIPASE C, ISOZYME DELTA1'
2 non-polymer 'CALCIUM ION'
3 non-polymer 'ACETATE ION'
4 non-polymer D-MYO-INOSITOL-4,5-BISPHOSPHATE
5 water water
#
_entity_poly.entity_id   1
_entity_poly.type   'polypeptide(L)'
_entity_poly.pdbx_seq_one_letter_code
;GSMDQRQKLQHWIHSCLRKADKNKDNKMNFKELKDFLKELNIQVDDGYARKIFRECDHSQTDSLEDEEIETFYKMLTQRA
EIDRAFEEAAGSAETLSVERLVTFLQHQQREEEAGPALALSLIERYEPSETAKAQRQMTKDGFLMYLLSADGNAFSLAHR
RVYQDMDQPLSHYLVSSSHNTYLLEDQLTGPSSTEAYIRALCKGCRCLELDCWDGPNQEPIIYHGYTFTSKILFCDVLRA
IRDYAFKASPYPVILSLENHCSLEQQRVMARHLRAILGPILLDQPLDGVTTSLPSPEQLKGKILLKGKKLGGLLPAGGEN
GSEATDVSDEVEAAEMEDEAVRSQVQHKPKEDKLKLVPELSDMIIYCKSVHFGGFSSPGTSGQAFYEMASFSESRALRLL
QESGNGFVRHNVSCLSRIYPAGWRTDSSNYSPVEMWNGGCQIVALNFQTPGPEMDVYLGCFQDNGGCGYVLKPAFLRDPN
TTFNSRALTQGPWWRPERLRVRIISGQQLPKVNKNKNSIVDPKVIVEIHGVGRDTGSRQTAVITNNGFNPRWDMEFEFEV
TVPDLALVRFMVEDYDSSSKNDFIGQSTIPWNSLKQGYRHVHLLSKNGDQHPSATLFVKISIQD
;
_entity_poly.pdbx_strand_id   A,B
#
loop_
_chem_comp.id
_chem_comp.type
_chem_comp.name
_chem_comp.formula
ACT non-polymer 'ACETATE ION' 'C2 H3 O2 -1'
CA non-polymer 'CALCIUM ION' 'Ca 2'
IP2 non-polymer D-MYO-INOSITOL-4,5-BISPHOSPHATE 'C6 H14 O12 P2'
#
# COMPACT_ATOMS: atom_id res chain seq x y z
N GLU A 68 -31.16 38.25 11.22
CA GLU A 68 -31.95 37.63 10.14
C GLU A 68 -31.43 37.97 8.74
N ILE A 69 -31.92 39.07 8.13
CA ILE A 69 -31.47 39.50 6.78
C ILE A 69 -29.93 39.45 6.58
N GLU A 70 -29.20 39.60 7.68
CA GLU A 70 -27.75 39.47 7.66
C GLU A 70 -27.63 37.95 7.81
N THR A 71 -28.21 37.45 8.91
CA THR A 71 -28.27 36.03 9.23
C THR A 71 -28.62 35.17 8.03
N PHE A 72 -29.32 35.74 7.06
CA PHE A 72 -29.72 35.05 5.84
C PHE A 72 -28.58 35.07 4.86
N TYR A 73 -28.23 36.26 4.37
CA TYR A 73 -27.11 36.41 3.45
C TYR A 73 -25.92 35.80 4.16
N LYS A 74 -25.89 35.98 5.47
CA LYS A 74 -24.82 35.35 6.21
C LYS A 74 -25.05 33.83 6.15
N MET A 75 -26.30 33.37 6.33
CA MET A 75 -26.58 31.92 6.28
C MET A 75 -26.88 31.24 5.00
N LEU A 76 -27.10 32.01 3.94
CA LEU A 76 -27.33 31.37 2.66
C LEU A 76 -25.91 31.20 2.27
N THR A 77 -25.16 32.26 2.49
CA THR A 77 -23.75 32.30 2.19
C THR A 77 -22.84 31.73 3.28
N GLN A 78 -23.08 30.51 3.76
CA GLN A 78 -22.20 29.94 4.77
C GLN A 78 -21.76 28.48 4.54
N ARG A 79 -20.54 28.32 4.07
CA ARG A 79 -19.99 27.02 3.73
C ARG A 79 -19.03 26.47 4.73
N ALA A 80 -19.50 25.50 5.47
CA ALA A 80 -18.68 24.81 6.45
C ALA A 80 -17.37 24.25 5.94
N GLU A 81 -17.43 23.57 4.79
CA GLU A 81 -16.25 22.92 4.25
C GLU A 81 -15.10 23.92 4.14
N ILE A 82 -15.48 25.12 3.76
CA ILE A 82 -14.52 26.18 3.63
C ILE A 82 -14.01 26.62 5.00
N ASP A 83 -14.92 26.78 5.95
CA ASP A 83 -14.59 27.18 7.30
C ASP A 83 -13.50 26.22 7.80
N ARG A 84 -13.89 24.96 7.85
CA ARG A 84 -13.03 23.88 8.28
C ARG A 84 -11.70 23.94 7.58
N ALA A 85 -11.73 24.13 6.28
CA ALA A 85 -10.48 24.19 5.55
C ALA A 85 -9.59 25.35 6.03
N PHE A 86 -10.22 26.50 6.31
CA PHE A 86 -9.50 27.67 6.72
C PHE A 86 -8.98 27.44 8.09
N GLU A 87 -9.88 26.90 8.92
CA GLU A 87 -9.58 26.53 10.28
C GLU A 87 -8.30 25.74 10.21
N GLU A 88 -8.40 24.47 9.82
CA GLU A 88 -7.25 23.59 9.63
C GLU A 88 -5.98 24.26 9.11
N ALA A 89 -6.13 25.19 8.19
CA ALA A 89 -4.96 25.86 7.69
C ALA A 89 -4.40 26.84 8.70
N ALA A 90 -5.25 27.73 9.18
CA ALA A 90 -4.87 28.81 10.08
C ALA A 90 -4.80 28.40 11.55
N GLY A 91 -5.30 27.22 11.82
CA GLY A 91 -5.29 26.81 13.21
C GLY A 91 -6.24 27.75 13.95
N SER A 92 -5.72 28.32 15.03
CA SER A 92 -6.54 29.18 15.88
C SER A 92 -6.63 30.62 15.47
N ALA A 93 -5.58 31.13 14.83
CA ALA A 93 -5.59 32.51 14.39
C ALA A 93 -6.85 32.79 13.60
N GLU A 94 -7.27 34.03 13.53
CA GLU A 94 -8.50 34.36 12.82
C GLU A 94 -7.99 34.68 11.45
N THR A 95 -6.68 34.56 11.32
CA THR A 95 -6.00 34.90 10.09
C THR A 95 -4.91 33.94 9.61
N LEU A 96 -4.62 34.01 8.33
CA LEU A 96 -3.60 33.19 7.69
C LEU A 96 -2.39 34.09 7.40
N SER A 97 -1.31 33.84 8.13
CA SER A 97 -0.07 34.59 7.91
C SER A 97 0.60 33.94 6.76
N VAL A 98 1.43 34.70 6.08
CA VAL A 98 2.20 34.19 4.95
C VAL A 98 2.86 32.87 5.28
N GLU A 99 3.36 32.79 6.50
CA GLU A 99 4.00 31.57 7.02
C GLU A 99 3.01 30.43 6.98
N ARG A 100 1.74 30.70 7.23
CA ARG A 100 0.76 29.62 7.17
C ARG A 100 0.21 29.42 5.77
N LEU A 101 0.06 30.51 5.06
CA LEU A 101 -0.38 30.45 3.72
C LEU A 101 0.54 29.54 2.96
N VAL A 102 1.81 29.85 3.08
CA VAL A 102 2.77 29.03 2.39
C VAL A 102 2.73 27.56 2.81
N THR A 103 2.50 27.34 4.08
CA THR A 103 2.40 25.96 4.51
C THR A 103 1.23 25.34 3.78
N PHE A 104 0.13 26.08 3.71
CA PHE A 104 -1.07 25.61 2.98
C PHE A 104 -0.71 25.37 1.52
N LEU A 105 -0.16 26.39 0.87
CA LEU A 105 0.23 26.27 -0.51
C LEU A 105 1.05 25.03 -0.82
N GLN A 106 1.93 24.70 0.12
CA GLN A 106 2.79 23.52 0.01
C GLN A 106 2.13 22.26 0.48
N HIS A 107 1.75 22.23 1.74
CA HIS A 107 1.23 20.97 2.22
C HIS A 107 -0.01 20.49 1.50
N GLN A 108 -0.90 21.43 1.21
CA GLN A 108 -2.22 21.17 0.62
C GLN A 108 -2.26 21.38 -0.88
N GLN A 109 -2.21 22.62 -1.31
CA GLN A 109 -2.27 22.86 -2.70
C GLN A 109 -1.10 22.27 -3.48
N ARG A 110 -0.16 21.66 -2.78
CA ARG A 110 1.02 21.07 -3.40
C ARG A 110 1.63 21.84 -4.53
N GLU A 111 1.74 23.16 -4.36
CA GLU A 111 2.36 23.96 -5.42
C GLU A 111 3.84 23.80 -5.40
N GLU A 112 4.45 23.88 -6.57
CA GLU A 112 5.91 23.74 -6.65
C GLU A 112 6.57 25.09 -6.39
N GLU A 113 6.00 26.14 -6.99
CA GLU A 113 6.50 27.45 -6.78
C GLU A 113 6.10 27.99 -5.39
N ALA A 114 5.65 27.10 -4.47
CA ALA A 114 5.27 27.52 -3.17
C ALA A 114 6.39 28.29 -2.56
N GLY A 115 6.03 29.46 -2.12
CA GLY A 115 6.93 30.37 -1.46
C GLY A 115 6.25 31.72 -1.26
N PRO A 116 6.73 32.46 -0.27
CA PRO A 116 6.26 33.79 0.08
C PRO A 116 5.92 34.62 -1.15
N ALA A 117 6.59 34.36 -2.24
CA ALA A 117 6.32 35.12 -3.46
C ALA A 117 4.89 34.90 -3.96
N LEU A 118 4.54 33.62 -4.05
CA LEU A 118 3.24 33.13 -4.44
C LEU A 118 2.25 33.63 -3.41
N ALA A 119 2.44 33.17 -2.15
CA ALA A 119 1.57 33.59 -1.03
C ALA A 119 1.30 35.11 -1.04
N LEU A 120 2.28 35.87 -1.44
CA LEU A 120 2.07 37.28 -1.43
C LEU A 120 1.22 37.73 -2.53
N SER A 121 1.39 37.12 -3.67
CA SER A 121 0.62 37.56 -4.82
C SER A 121 -0.78 37.13 -4.54
N LEU A 122 -0.95 35.97 -3.88
CA LEU A 122 -2.30 35.49 -3.60
C LEU A 122 -3.03 36.53 -2.78
N ILE A 123 -2.45 36.89 -1.65
CA ILE A 123 -2.98 37.92 -0.79
C ILE A 123 -3.18 39.25 -1.52
N GLU A 124 -2.16 39.70 -2.22
CA GLU A 124 -2.30 40.97 -2.95
C GLU A 124 -3.44 40.93 -3.91
N ARG A 125 -3.69 39.78 -4.47
CA ARG A 125 -4.65 39.63 -5.50
C ARG A 125 -6.00 39.31 -5.02
N TYR A 126 -6.08 38.60 -3.92
CA TYR A 126 -7.36 38.17 -3.43
C TYR A 126 -7.84 38.66 -2.11
N GLU A 127 -6.96 39.23 -1.28
CA GLU A 127 -7.41 39.66 0.03
C GLU A 127 -8.21 40.92 0.00
N PRO A 128 -9.45 40.78 0.44
CA PRO A 128 -10.41 41.86 0.50
C PRO A 128 -10.12 42.92 1.60
N SER A 129 -9.65 42.47 2.78
CA SER A 129 -9.33 43.36 3.88
C SER A 129 -8.07 44.17 3.69
N GLU A 130 -8.23 45.47 3.62
CA GLU A 130 -7.12 46.36 3.41
C GLU A 130 -6.06 46.25 4.49
N THR A 131 -6.54 45.96 5.71
CA THR A 131 -5.68 45.77 6.84
C THR A 131 -4.85 44.56 6.57
N ALA A 132 -5.42 43.36 6.80
CA ALA A 132 -4.78 42.04 6.51
C ALA A 132 -3.98 42.03 5.20
N LYS A 133 -4.49 42.68 4.18
CA LYS A 133 -3.78 42.71 2.94
C LYS A 133 -2.48 43.39 3.27
N ALA A 134 -2.56 44.68 3.61
CA ALA A 134 -1.40 45.50 3.98
C ALA A 134 -0.51 44.78 4.98
N GLN A 135 -1.11 44.14 5.96
CA GLN A 135 -0.37 43.43 6.98
C GLN A 135 0.07 42.03 6.55
N ARG A 136 0.16 41.83 5.23
CA ARG A 136 0.55 40.54 4.62
C ARG A 136 -0.09 39.31 5.27
N GLN A 137 -1.43 39.34 5.29
CA GLN A 137 -2.24 38.27 5.88
C GLN A 137 -3.52 37.96 5.04
N MET A 138 -4.10 36.78 5.27
CA MET A 138 -5.27 36.38 4.54
C MET A 138 -6.39 36.00 5.47
N THR A 139 -7.53 36.61 5.30
CA THR A 139 -8.65 36.33 6.15
C THR A 139 -9.42 35.19 5.50
N LYS A 140 -10.41 34.63 6.17
CA LYS A 140 -11.18 33.55 5.55
C LYS A 140 -11.74 33.94 4.21
N ASP A 141 -12.33 35.12 4.11
CA ASP A 141 -12.86 35.61 2.83
C ASP A 141 -11.86 35.57 1.73
N GLY A 142 -10.71 36.16 1.96
CA GLY A 142 -9.63 36.14 0.98
C GLY A 142 -9.29 34.71 0.66
N PHE A 143 -9.41 33.84 1.65
CA PHE A 143 -9.12 32.42 1.42
C PHE A 143 -10.10 31.87 0.36
N LEU A 144 -11.37 32.11 0.64
CA LEU A 144 -12.45 31.76 -0.25
C LEU A 144 -12.26 32.30 -1.63
N MET A 145 -11.98 33.56 -1.75
CA MET A 145 -11.84 34.08 -3.08
C MET A 145 -10.75 33.43 -3.83
N TYR A 146 -9.64 33.12 -3.14
CA TYR A 146 -8.51 32.53 -3.84
C TYR A 146 -9.06 31.25 -4.41
N LEU A 147 -9.61 30.45 -3.51
CA LEU A 147 -10.20 29.19 -3.85
C LEU A 147 -11.15 29.20 -5.03
N LEU A 148 -11.87 30.31 -5.24
CA LEU A 148 -12.77 30.43 -6.38
C LEU A 148 -12.10 31.15 -7.57
N SER A 149 -10.90 31.62 -7.37
CA SER A 149 -10.21 32.35 -8.41
C SER A 149 -9.67 31.43 -9.48
N ALA A 150 -9.00 32.03 -10.45
CA ALA A 150 -8.36 31.28 -11.49
C ALA A 150 -7.24 30.54 -10.85
N ASP A 151 -6.94 30.88 -9.59
CA ASP A 151 -5.83 30.27 -8.88
C ASP A 151 -6.30 29.12 -8.05
N GLY A 152 -7.59 29.10 -7.70
CA GLY A 152 -8.17 28.01 -6.88
C GLY A 152 -8.78 26.95 -7.79
N ASN A 153 -8.80 27.25 -9.08
CA ASN A 153 -9.33 26.35 -10.09
C ASN A 153 -8.57 25.02 -10.24
N ALA A 154 -9.33 23.91 -10.37
CA ALA A 154 -8.69 22.62 -10.58
C ALA A 154 -7.92 22.57 -11.88
N PHE A 155 -8.27 23.43 -12.82
CA PHE A 155 -7.60 23.42 -14.10
C PHE A 155 -6.47 24.43 -14.10
N SER A 156 -5.24 23.93 -14.03
CA SER A 156 -4.08 24.80 -13.96
C SER A 156 -4.00 26.11 -14.73
N LEU A 157 -4.07 27.20 -13.98
CA LEU A 157 -3.93 28.57 -14.54
C LEU A 157 -2.71 28.67 -15.42
N ALA A 158 -1.64 28.04 -14.98
CA ALA A 158 -0.42 28.13 -15.76
C ALA A 158 -0.61 27.53 -17.11
N HIS A 159 -1.37 26.46 -17.20
CA HIS A 159 -1.53 25.77 -18.46
C HIS A 159 -2.46 26.46 -19.33
N ARG A 160 -3.07 27.50 -18.79
CA ARG A 160 -4.02 28.26 -19.57
C ARG A 160 -3.45 29.36 -20.40
N ARG A 161 -2.18 29.21 -20.78
CA ARG A 161 -1.47 30.16 -21.66
C ARG A 161 -0.46 29.31 -22.41
N VAL A 162 -0.12 29.69 -23.64
CA VAL A 162 0.81 28.84 -24.40
C VAL A 162 2.06 28.65 -23.63
N TYR A 163 2.37 27.42 -23.31
CA TYR A 163 3.53 27.23 -22.47
C TYR A 163 4.38 26.08 -22.92
N GLN A 164 4.04 25.49 -24.06
CA GLN A 164 4.84 24.37 -24.52
C GLN A 164 5.69 24.65 -25.75
N ASP A 165 6.55 23.69 -26.07
CA ASP A 165 7.43 23.82 -27.19
C ASP A 165 6.67 23.93 -28.53
N MET A 166 6.58 25.15 -29.06
CA MET A 166 5.88 25.34 -30.35
C MET A 166 6.80 25.25 -31.56
N ASP A 167 7.92 24.55 -31.35
CA ASP A 167 8.95 24.40 -32.38
C ASP A 167 9.10 23.11 -33.17
N GLN A 168 8.61 21.99 -32.66
CA GLN A 168 8.71 20.76 -33.39
C GLN A 168 7.81 20.79 -34.59
N PRO A 169 7.98 19.81 -35.46
CA PRO A 169 7.15 19.71 -36.67
C PRO A 169 5.71 19.44 -36.19
N LEU A 170 4.75 19.90 -36.99
CA LEU A 170 3.36 19.71 -36.66
C LEU A 170 3.05 18.31 -36.18
N SER A 171 3.61 17.30 -36.85
CA SER A 171 3.31 15.90 -36.51
C SER A 171 3.40 15.58 -35.03
N HIS A 172 4.14 16.42 -34.30
CA HIS A 172 4.35 16.23 -32.86
C HIS A 172 3.25 16.77 -31.94
N TYR A 173 2.26 17.42 -32.54
CA TYR A 173 1.22 18.00 -31.76
C TYR A 173 -0.09 17.37 -32.10
N LEU A 174 -1.03 17.45 -31.14
CA LEU A 174 -2.40 17.04 -31.35
C LEU A 174 -2.96 18.32 -31.90
N VAL A 175 -3.74 18.24 -32.95
CA VAL A 175 -4.28 19.45 -33.51
C VAL A 175 -5.79 19.47 -33.42
N SER A 176 -6.35 20.56 -32.90
CA SER A 176 -7.80 20.61 -32.78
C SER A 176 -8.40 20.63 -34.18
N SER A 177 -9.13 19.57 -34.54
CA SER A 177 -9.73 19.45 -35.85
C SER A 177 -11.24 19.26 -35.84
N SER A 178 -11.90 19.86 -36.85
CA SER A 178 -13.35 19.78 -36.95
C SER A 178 -13.71 18.94 -38.14
N HIS A 179 -14.96 18.42 -38.19
CA HIS A 179 -15.39 17.55 -39.29
C HIS A 179 -16.68 18.05 -39.93
N ASN A 180 -16.59 18.24 -41.25
CA ASN A 180 -17.68 18.74 -42.11
C ASN A 180 -18.17 19.92 -41.38
N THR A 181 -17.19 20.77 -41.10
CA THR A 181 -17.30 21.96 -40.30
C THR A 181 -18.38 22.88 -40.62
N TYR A 182 -18.77 22.91 -41.86
CA TYR A 182 -19.81 23.79 -42.29
C TYR A 182 -21.20 23.40 -41.71
N LEU A 183 -21.29 22.24 -41.09
CA LEU A 183 -22.56 21.81 -40.61
C LEU A 183 -22.96 22.28 -39.22
N LEU A 184 -24.22 22.63 -39.10
CA LEU A 184 -24.75 23.07 -37.83
C LEU A 184 -25.53 21.94 -37.17
N GLU A 185 -25.92 20.93 -37.94
CA GLU A 185 -26.72 19.86 -37.38
C GLU A 185 -26.33 18.45 -37.84
N ASP A 186 -27.29 17.70 -38.42
CA ASP A 186 -27.12 16.31 -38.89
C ASP A 186 -26.46 16.33 -40.22
N GLN A 187 -26.03 15.18 -40.70
CA GLN A 187 -25.33 15.14 -41.97
C GLN A 187 -26.19 14.92 -43.17
N LEU A 188 -27.46 14.73 -42.92
CA LEU A 188 -28.34 14.45 -44.02
C LEU A 188 -29.07 15.62 -44.58
N THR A 189 -29.73 16.33 -43.69
CA THR A 189 -30.54 17.46 -44.10
C THR A 189 -30.44 18.72 -43.21
N GLY A 190 -29.52 18.74 -42.28
CA GLY A 190 -29.43 19.90 -41.42
C GLY A 190 -28.87 21.04 -42.25
N PRO A 191 -28.69 22.19 -41.63
CA PRO A 191 -28.20 23.33 -42.35
C PRO A 191 -26.72 23.50 -42.31
N SER A 192 -26.18 24.27 -43.27
CA SER A 192 -24.78 24.64 -43.24
C SER A 192 -24.82 26.12 -43.09
N SER A 193 -23.73 26.68 -42.59
CA SER A 193 -23.62 28.09 -42.36
C SER A 193 -22.22 28.48 -42.05
N THR A 194 -21.88 29.70 -42.43
CA THR A 194 -20.55 30.20 -42.13
C THR A 194 -20.40 30.32 -40.63
N GLU A 195 -21.51 30.51 -39.97
CA GLU A 195 -21.51 30.58 -38.52
C GLU A 195 -20.86 29.35 -37.97
N ALA A 196 -21.12 28.21 -38.59
CA ALA A 196 -20.50 27.02 -38.10
C ALA A 196 -18.98 27.10 -38.08
N TYR A 197 -18.37 27.67 -39.10
CA TYR A 197 -16.91 27.84 -39.08
C TYR A 197 -16.51 28.93 -38.06
N ILE A 198 -17.35 29.93 -37.86
CA ILE A 198 -16.98 30.93 -36.90
C ILE A 198 -16.89 30.29 -35.54
N ARG A 199 -17.97 29.63 -35.15
CA ARG A 199 -18.02 28.93 -33.88
C ARG A 199 -16.83 28.04 -33.62
N ALA A 200 -16.51 27.21 -34.60
CA ALA A 200 -15.42 26.30 -34.45
C ALA A 200 -14.20 27.05 -34.21
N LEU A 201 -13.99 28.04 -35.04
CA LEU A 201 -12.77 28.83 -34.93
C LEU A 201 -12.70 29.53 -33.58
N CYS A 202 -13.84 29.97 -33.08
CA CYS A 202 -13.86 30.63 -31.82
C CYS A 202 -13.60 29.66 -30.71
N LYS A 203 -13.98 28.41 -30.91
CA LYS A 203 -13.73 27.36 -29.94
C LYS A 203 -12.32 26.82 -30.09
N GLY A 204 -11.46 27.50 -30.87
CA GLY A 204 -10.03 27.10 -31.04
C GLY A 204 -9.65 26.16 -32.20
N CYS A 205 -10.65 25.61 -32.89
CA CYS A 205 -10.39 24.69 -33.96
C CYS A 205 -9.34 25.13 -34.98
N ARG A 206 -8.40 24.27 -35.33
CA ARG A 206 -7.38 24.69 -36.28
C ARG A 206 -7.56 24.14 -37.63
N CYS A 207 -8.09 22.96 -37.68
CA CYS A 207 -8.20 22.33 -38.94
C CYS A 207 -9.65 22.28 -39.31
N LEU A 208 -10.01 22.90 -40.42
CA LEU A 208 -11.42 22.96 -40.92
C LEU A 208 -11.68 22.20 -42.23
N GLU A 209 -12.93 21.84 -42.47
CA GLU A 209 -13.27 21.09 -43.67
C GLU A 209 -14.14 21.84 -44.63
N LEU A 210 -13.75 21.82 -45.89
CA LEU A 210 -14.56 22.45 -46.90
C LEU A 210 -14.87 21.44 -47.97
N ASP A 211 -16.14 21.06 -48.08
CA ASP A 211 -16.58 20.12 -49.10
C ASP A 211 -17.10 20.96 -50.26
N CYS A 212 -16.24 21.18 -51.25
CA CYS A 212 -16.60 22.01 -52.39
C CYS A 212 -17.25 21.32 -53.56
N TRP A 213 -18.32 21.92 -54.03
CA TRP A 213 -19.09 21.46 -55.14
C TRP A 213 -19.40 22.63 -56.08
N ASP A 214 -19.54 22.37 -57.37
CA ASP A 214 -19.85 23.43 -58.31
C ASP A 214 -21.20 24.03 -57.92
N GLY A 215 -21.35 25.32 -58.16
CA GLY A 215 -22.60 25.98 -57.83
C GLY A 215 -23.03 26.88 -58.97
N PRO A 216 -24.27 27.35 -58.88
CA PRO A 216 -24.85 28.23 -59.87
C PRO A 216 -23.92 29.40 -60.09
N ASN A 217 -24.09 30.04 -61.26
CA ASN A 217 -23.35 31.22 -61.66
C ASN A 217 -21.88 31.07 -61.50
N GLN A 218 -21.38 29.87 -61.70
CA GLN A 218 -19.92 29.71 -61.63
C GLN A 218 -19.29 30.00 -60.30
N GLU A 219 -20.11 29.87 -59.26
CA GLU A 219 -19.65 30.12 -57.92
C GLU A 219 -19.74 28.81 -57.17
N PRO A 220 -18.59 28.32 -56.72
CA PRO A 220 -18.49 27.07 -55.97
C PRO A 220 -19.27 27.16 -54.68
N ILE A 221 -19.94 26.09 -54.33
CA ILE A 221 -20.66 26.06 -53.07
C ILE A 221 -20.13 25.00 -52.14
N ILE A 222 -20.60 25.00 -50.91
CA ILE A 222 -20.14 24.04 -49.94
C ILE A 222 -21.34 23.47 -49.27
N TYR A 223 -21.44 22.16 -49.28
CA TYR A 223 -22.47 21.45 -48.59
C TYR A 223 -22.09 19.98 -48.57
N HIS A 224 -22.92 19.16 -47.93
CA HIS A 224 -22.64 17.72 -47.83
C HIS A 224 -22.99 16.95 -49.09
N GLY A 225 -21.94 16.51 -49.80
CA GLY A 225 -22.12 15.81 -51.09
C GLY A 225 -23.15 14.66 -50.99
N TYR A 226 -24.21 14.73 -51.80
CA TYR A 226 -25.24 13.65 -51.88
C TYR A 226 -26.30 13.63 -50.79
N THR A 227 -26.46 14.74 -50.10
CA THR A 227 -27.47 14.75 -49.02
C THR A 227 -28.33 15.90 -49.26
N PHE A 228 -29.22 16.20 -48.35
CA PHE A 228 -30.09 17.35 -48.54
C PHE A 228 -29.66 18.54 -47.66
N THR A 229 -28.43 18.47 -47.18
CA THR A 229 -27.95 19.52 -46.32
C THR A 229 -27.98 20.82 -47.08
N SER A 230 -28.42 21.89 -46.42
CA SER A 230 -28.38 23.25 -46.97
C SER A 230 -26.97 23.66 -47.44
N LYS A 231 -26.97 24.65 -48.34
CA LYS A 231 -25.75 25.05 -48.99
C LYS A 231 -25.33 26.44 -48.56
N ILE A 232 -24.10 26.78 -48.89
CA ILE A 232 -23.52 28.09 -48.61
C ILE A 232 -22.36 28.33 -49.64
N LEU A 233 -21.84 29.56 -49.75
CA LEU A 233 -20.80 29.83 -50.74
C LEU A 233 -19.40 29.61 -50.31
N PHE A 234 -18.61 29.09 -51.24
CA PHE A 234 -17.21 28.87 -50.95
C PHE A 234 -16.59 30.20 -50.55
N CYS A 235 -16.86 31.25 -51.30
CA CYS A 235 -16.29 32.55 -50.95
C CYS A 235 -16.65 33.01 -49.55
N ASP A 236 -17.96 33.01 -49.27
CA ASP A 236 -18.46 33.46 -47.97
C ASP A 236 -17.67 32.77 -46.84
N VAL A 237 -17.51 31.45 -46.97
CA VAL A 237 -16.81 30.68 -46.00
C VAL A 237 -15.42 31.22 -45.87
N LEU A 238 -14.80 31.48 -47.01
CA LEU A 238 -13.42 32.01 -47.01
C LEU A 238 -13.21 33.32 -46.23
N ARG A 239 -14.22 34.17 -46.24
CA ARG A 239 -14.08 35.42 -45.52
C ARG A 239 -14.13 35.19 -44.01
N ALA A 240 -15.17 34.45 -43.60
CA ALA A 240 -15.36 34.09 -42.21
C ALA A 240 -14.05 33.51 -41.70
N ILE A 241 -13.50 32.56 -42.45
CA ILE A 241 -12.27 31.95 -42.01
C ILE A 241 -11.24 33.01 -41.93
N ARG A 242 -11.28 33.88 -42.93
CA ARG A 242 -10.30 34.96 -42.95
C ARG A 242 -10.45 35.80 -41.72
N ASP A 243 -11.68 36.13 -41.37
CA ASP A 243 -11.89 36.95 -40.20
C ASP A 243 -11.61 36.29 -38.87
N TYR A 244 -11.87 35.00 -38.73
CA TYR A 244 -11.71 34.40 -37.41
C TYR A 244 -10.60 33.43 -37.14
N ALA A 245 -9.89 33.08 -38.18
CA ALA A 245 -8.81 32.15 -38.10
C ALA A 245 -7.89 32.32 -36.93
N PHE A 246 -7.73 33.57 -36.48
CA PHE A 246 -6.79 33.79 -35.39
C PHE A 246 -7.27 34.47 -34.12
N LYS A 247 -8.58 34.66 -34.05
CA LYS A 247 -9.18 35.24 -32.90
C LYS A 247 -8.73 34.46 -31.68
N ALA A 248 -8.84 33.13 -31.78
CA ALA A 248 -8.47 32.25 -30.68
C ALA A 248 -7.01 31.80 -30.61
N SER A 249 -6.27 31.98 -31.70
CA SER A 249 -4.90 31.57 -31.63
C SER A 249 -4.10 32.03 -32.83
N PRO A 250 -2.84 32.24 -32.58
CA PRO A 250 -1.95 32.66 -33.62
C PRO A 250 -1.49 31.51 -34.53
N TYR A 251 -1.71 30.26 -34.11
CA TYR A 251 -1.14 29.16 -34.84
C TYR A 251 -1.87 28.79 -36.09
N PRO A 252 -1.16 28.11 -37.02
CA PRO A 252 -1.74 27.71 -38.31
C PRO A 252 -3.13 27.02 -38.34
N VAL A 253 -3.91 27.41 -39.32
CA VAL A 253 -5.19 26.82 -39.55
C VAL A 253 -5.03 25.98 -40.81
N ILE A 254 -5.56 24.79 -40.81
CA ILE A 254 -5.45 23.92 -41.98
C ILE A 254 -6.78 23.76 -42.67
N LEU A 255 -6.82 23.95 -43.98
CA LEU A 255 -8.06 23.82 -44.71
C LEU A 255 -8.04 22.58 -45.47
N SER A 256 -9.03 21.76 -45.18
CA SER A 256 -9.19 20.46 -45.81
C SER A 256 -10.17 20.62 -46.92
N LEU A 257 -9.64 20.68 -48.12
CA LEU A 257 -10.50 20.81 -49.30
C LEU A 257 -10.92 19.43 -49.81
N GLU A 258 -12.18 19.27 -50.09
CA GLU A 258 -12.72 18.05 -50.64
C GLU A 258 -13.37 18.60 -51.87
N ASN A 259 -12.60 18.55 -52.93
CA ASN A 259 -12.98 19.10 -54.22
C ASN A 259 -13.90 18.21 -55.02
N HIS A 260 -14.94 18.80 -55.59
CA HIS A 260 -15.89 18.10 -56.43
C HIS A 260 -16.25 19.08 -57.52
N CYS A 261 -15.30 19.96 -57.76
CA CYS A 261 -15.56 21.00 -58.69
C CYS A 261 -15.00 20.80 -60.09
N SER A 262 -15.83 21.17 -61.06
CA SER A 262 -15.41 21.23 -62.44
C SER A 262 -14.08 22.04 -62.47
N LEU A 263 -13.30 21.85 -63.51
CA LEU A 263 -12.04 22.56 -63.61
C LEU A 263 -12.27 24.06 -63.56
N GLU A 264 -13.34 24.50 -64.21
CA GLU A 264 -13.63 25.93 -64.21
C GLU A 264 -13.76 26.43 -62.79
N GLN A 265 -14.83 25.98 -62.11
CA GLN A 265 -15.10 26.37 -60.73
C GLN A 265 -13.86 26.11 -59.84
N GLN A 266 -13.09 25.07 -60.15
CA GLN A 266 -11.86 24.81 -59.38
C GLN A 266 -10.98 26.02 -59.44
N ARG A 267 -10.70 26.49 -60.63
CA ARG A 267 -9.87 27.70 -60.75
C ARG A 267 -10.46 28.85 -59.94
N VAL A 268 -11.80 29.08 -60.10
CA VAL A 268 -12.54 30.13 -59.36
C VAL A 268 -12.11 30.05 -57.90
N MET A 269 -12.23 28.82 -57.37
CA MET A 269 -11.86 28.50 -56.02
C MET A 269 -10.48 29.08 -55.78
N ALA A 270 -9.55 28.66 -56.63
CA ALA A 270 -8.17 29.09 -56.49
C ALA A 270 -8.04 30.61 -56.48
N ARG A 271 -8.98 31.27 -57.15
CA ARG A 271 -8.93 32.74 -57.20
C ARG A 271 -9.31 33.28 -55.85
N HIS A 272 -10.52 32.90 -55.43
CA HIS A 272 -11.07 33.26 -54.16
C HIS A 272 -10.00 33.06 -53.07
N LEU A 273 -9.31 31.92 -53.08
CA LEU A 273 -8.31 31.66 -52.04
C LEU A 273 -7.30 32.75 -51.99
N ARG A 274 -6.65 32.96 -53.12
CA ARG A 274 -5.66 33.98 -53.26
C ARG A 274 -6.26 35.36 -52.99
N ALA A 275 -7.41 35.60 -53.59
CA ALA A 275 -8.07 36.90 -53.46
C ALA A 275 -8.34 37.19 -52.01
N ILE A 276 -9.05 36.27 -51.38
CA ILE A 276 -9.48 36.40 -50.01
C ILE A 276 -8.46 36.08 -48.93
N LEU A 277 -7.76 34.97 -49.00
CA LEU A 277 -6.79 34.71 -47.94
C LEU A 277 -5.61 35.65 -48.07
N GLY A 278 -5.36 36.07 -49.30
CA GLY A 278 -4.26 36.96 -49.55
C GLY A 278 -2.99 36.38 -49.01
N PRO A 279 -2.25 37.20 -48.30
CA PRO A 279 -0.97 36.79 -47.71
C PRO A 279 -1.12 35.76 -46.62
N ILE A 280 -2.31 35.61 -46.04
CA ILE A 280 -2.42 34.60 -45.00
C ILE A 280 -2.12 33.25 -45.60
N LEU A 281 -2.67 33.07 -46.79
CA LEU A 281 -2.47 31.83 -47.50
C LEU A 281 -0.98 31.50 -47.60
N LEU A 282 -0.63 30.23 -47.36
CA LEU A 282 0.77 29.74 -47.48
C LEU A 282 0.80 29.01 -48.81
N ASP A 283 1.47 29.61 -49.79
CA ASP A 283 1.48 29.05 -51.11
C ASP A 283 2.82 28.63 -51.59
N GLN A 284 3.79 28.60 -50.69
CA GLN A 284 5.14 28.19 -51.10
C GLN A 284 5.85 27.63 -49.90
N PRO A 285 6.57 26.54 -50.12
CA PRO A 285 7.33 25.86 -49.09
C PRO A 285 8.14 26.85 -48.34
N LEU A 286 8.43 26.56 -47.08
CA LEU A 286 9.20 27.46 -46.21
C LEU A 286 10.69 27.23 -46.53
N ASP A 287 11.46 28.31 -46.69
CA ASP A 287 12.90 28.18 -46.98
C ASP A 287 13.46 27.35 -45.82
N GLY A 288 14.23 26.31 -46.17
CA GLY A 288 14.75 25.40 -45.16
C GLY A 288 13.83 24.21 -45.30
N VAL A 289 12.93 24.06 -44.31
CA VAL A 289 11.87 23.03 -44.19
C VAL A 289 12.00 21.89 -45.21
N THR A 290 12.96 21.01 -44.98
CA THR A 290 13.25 20.04 -45.98
C THR A 290 12.98 18.60 -45.58
N THR A 291 13.32 18.25 -44.34
CA THR A 291 13.13 16.89 -43.88
C THR A 291 11.91 16.62 -43.00
N SER A 292 11.36 17.67 -42.41
CA SER A 292 10.20 17.52 -41.54
C SER A 292 9.15 18.56 -41.84
N LEU A 293 8.06 18.50 -41.09
CA LEU A 293 7.01 19.45 -41.28
C LEU A 293 7.45 20.65 -40.48
N PRO A 294 6.99 21.84 -40.88
CA PRO A 294 7.31 23.01 -40.12
C PRO A 294 6.64 22.90 -38.71
N SER A 295 7.02 23.82 -37.86
CA SER A 295 6.49 23.84 -36.53
C SER A 295 5.39 24.87 -36.57
N PRO A 296 4.52 24.78 -35.56
CA PRO A 296 3.41 25.69 -35.41
C PRO A 296 4.04 27.08 -35.39
N GLU A 297 5.19 27.23 -34.76
CA GLU A 297 5.83 28.53 -34.81
C GLU A 297 6.09 29.00 -36.24
N GLN A 298 6.79 28.17 -37.04
CA GLN A 298 7.13 28.57 -38.41
C GLN A 298 5.93 29.01 -39.20
N LEU A 299 4.84 28.28 -39.00
CA LEU A 299 3.62 28.55 -39.76
C LEU A 299 2.72 29.55 -39.08
N LYS A 300 3.18 30.11 -37.97
CA LYS A 300 2.34 31.05 -37.22
C LYS A 300 1.73 32.13 -38.11
N GLY A 301 0.43 32.33 -38.06
CA GLY A 301 -0.18 33.35 -38.91
C GLY A 301 -0.63 32.89 -40.29
N LYS A 302 -0.16 31.72 -40.72
CA LYS A 302 -0.56 31.21 -42.03
C LYS A 302 -1.76 30.32 -41.94
N ILE A 303 -2.28 29.98 -43.11
CA ILE A 303 -3.38 29.02 -43.25
C ILE A 303 -2.87 28.06 -44.31
N LEU A 304 -2.80 26.77 -44.04
CA LEU A 304 -2.37 25.91 -45.12
C LEU A 304 -3.45 25.06 -45.69
N LEU A 305 -3.24 24.65 -46.94
CA LEU A 305 -4.23 23.85 -47.62
C LEU A 305 -3.86 22.40 -47.60
N LYS A 306 -4.88 21.57 -47.56
CA LYS A 306 -4.68 20.15 -47.58
C LYS A 306 -5.64 19.67 -48.60
N GLY A 307 -5.15 18.79 -49.46
CA GLY A 307 -5.96 18.20 -50.55
C GLY A 307 -5.08 17.35 -51.45
N LYS A 308 -5.66 16.95 -52.59
CA LYS A 308 -4.97 16.13 -53.58
C LYS A 308 -3.97 17.02 -54.28
N LYS A 309 -2.87 16.44 -54.75
CA LYS A 309 -1.90 17.24 -55.47
C LYS A 309 -1.70 16.47 -56.77
N LEU A 310 -1.49 17.16 -57.89
CA LEU A 310 -1.26 16.45 -59.15
C LEU A 310 0.09 15.73 -58.99
N LYS A 355 -8.47 16.64 -64.21
CA LYS A 355 -9.34 16.49 -63.04
C LYS A 355 -9.00 17.40 -61.85
N LEU A 356 -7.82 18.01 -61.89
CA LEU A 356 -7.38 18.87 -60.83
C LEU A 356 -6.54 19.99 -61.44
N VAL A 357 -7.08 21.21 -61.50
CA VAL A 357 -6.34 22.33 -62.06
C VAL A 357 -5.10 22.70 -61.21
N PRO A 358 -3.99 22.97 -61.86
CA PRO A 358 -2.72 23.36 -61.20
C PRO A 358 -2.86 24.50 -60.21
N GLU A 359 -3.75 25.47 -60.53
CA GLU A 359 -3.96 26.68 -59.69
C GLU A 359 -4.14 26.22 -58.30
N LEU A 360 -5.11 25.31 -58.12
CA LEU A 360 -5.36 24.70 -56.83
C LEU A 360 -4.22 23.82 -56.37
N SER A 361 -4.00 22.73 -57.11
CA SER A 361 -2.98 21.77 -56.73
C SER A 361 -1.63 22.42 -56.33
N ASP A 362 -1.30 23.53 -56.97
CA ASP A 362 -0.03 24.23 -56.69
C ASP A 362 0.00 24.90 -55.29
N MET A 363 -1.14 24.91 -54.61
CA MET A 363 -1.24 25.53 -53.30
C MET A 363 -1.06 24.52 -52.15
N ILE A 364 -1.17 23.23 -52.49
CA ILE A 364 -1.04 22.18 -51.50
C ILE A 364 0.43 22.03 -51.27
N ILE A 365 0.95 22.51 -50.17
CA ILE A 365 2.39 22.39 -49.96
C ILE A 365 2.74 21.22 -49.00
N TYR A 366 2.41 21.34 -47.71
CA TYR A 366 2.72 20.29 -46.74
C TYR A 366 1.62 19.28 -46.45
N CYS A 367 0.47 19.40 -47.13
CA CYS A 367 -0.66 18.49 -46.88
C CYS A 367 -1.28 17.89 -48.07
N LYS A 368 -0.59 16.91 -48.62
CA LYS A 368 -1.12 16.23 -49.76
C LYS A 368 -1.96 15.07 -49.30
N SER A 369 -3.23 15.07 -49.70
CA SER A 369 -4.07 13.93 -49.34
C SER A 369 -3.48 12.71 -50.04
N VAL A 370 -3.50 11.58 -49.36
CA VAL A 370 -2.93 10.36 -49.90
C VAL A 370 -3.79 9.19 -49.42
N HIS A 371 -3.79 8.07 -50.15
CA HIS A 371 -4.53 6.90 -49.66
C HIS A 371 -3.55 6.18 -48.74
N PHE A 372 -4.07 5.63 -47.66
CA PHE A 372 -3.19 5.01 -46.71
C PHE A 372 -2.34 3.97 -47.35
N GLY A 373 -1.04 4.19 -47.31
CA GLY A 373 -0.12 3.25 -47.92
C GLY A 373 0.05 2.05 -46.99
N GLY A 374 0.78 2.30 -45.92
CA GLY A 374 1.04 1.30 -44.88
C GLY A 374 2.13 1.94 -44.03
N PHE A 375 2.53 1.30 -42.93
CA PHE A 375 3.60 1.90 -42.12
C PHE A 375 4.95 1.28 -42.48
N SER A 376 5.84 2.15 -42.95
CA SER A 376 7.17 1.76 -43.42
C SER A 376 8.24 1.46 -42.35
N SER A 377 7.98 0.46 -41.50
CA SER A 377 8.97 -0.05 -40.52
C SER A 377 9.68 -1.15 -41.35
N PRO A 378 8.88 -1.88 -42.15
CA PRO A 378 9.42 -2.90 -43.05
C PRO A 378 10.06 -2.25 -44.27
N GLY A 379 10.70 -1.11 -44.02
CA GLY A 379 11.38 -0.34 -45.07
C GLY A 379 11.93 0.90 -44.40
N THR A 380 12.15 1.96 -45.16
CA THR A 380 12.66 3.20 -44.60
C THR A 380 11.53 4.23 -44.58
N SER A 381 10.94 4.42 -45.74
CA SER A 381 9.86 5.38 -45.89
C SER A 381 8.61 4.78 -46.48
N GLY A 382 7.56 5.58 -46.36
CA GLY A 382 6.25 5.26 -46.81
C GLY A 382 5.68 6.61 -47.17
N GLN A 383 4.86 7.17 -46.29
CA GLN A 383 4.31 8.48 -46.59
C GLN A 383 5.34 9.57 -46.32
N ALA A 384 5.36 10.53 -47.21
CA ALA A 384 6.26 11.63 -47.04
C ALA A 384 5.69 12.46 -45.85
N PHE A 385 6.57 13.13 -45.11
CA PHE A 385 6.13 13.95 -44.00
C PHE A 385 5.08 14.92 -44.49
N TYR A 386 5.14 15.22 -45.78
CA TYR A 386 4.21 16.17 -46.33
C TYR A 386 3.02 15.45 -46.92
N GLU A 387 2.90 14.17 -46.64
CA GLU A 387 1.68 13.51 -47.12
C GLU A 387 0.74 13.22 -45.96
N MET A 388 -0.56 13.28 -46.20
CA MET A 388 -1.50 13.01 -45.11
C MET A 388 -2.57 12.01 -45.46
N ALA A 389 -2.82 11.06 -44.56
CA ALA A 389 -3.81 10.04 -44.82
C ALA A 389 -4.93 10.26 -43.91
N SER A 390 -6.11 9.80 -44.28
CA SER A 390 -7.22 9.98 -43.38
C SER A 390 -7.72 8.61 -43.16
N PHE A 391 -8.42 8.39 -42.04
CA PHE A 391 -8.95 7.09 -41.70
C PHE A 391 -10.21 7.31 -40.98
N SER A 392 -11.16 6.49 -41.29
CA SER A 392 -12.38 6.58 -40.60
C SER A 392 -12.14 5.97 -39.21
N GLU A 393 -13.11 6.25 -38.34
CA GLU A 393 -13.20 5.76 -36.98
C GLU A 393 -12.82 4.27 -36.97
N SER A 394 -13.68 3.52 -37.63
CA SER A 394 -13.57 2.05 -37.76
C SER A 394 -12.21 1.57 -38.22
N ARG A 395 -11.76 2.06 -39.35
CA ARG A 395 -10.49 1.63 -39.85
C ARG A 395 -9.42 1.92 -38.83
N ALA A 396 -9.52 3.11 -38.27
CA ALA A 396 -8.53 3.57 -37.33
C ALA A 396 -8.43 2.61 -36.20
N LEU A 397 -9.59 2.22 -35.72
CA LEU A 397 -9.61 1.28 -34.61
C LEU A 397 -8.87 0.00 -35.01
N ARG A 398 -9.27 -0.58 -36.15
CA ARG A 398 -8.67 -1.78 -36.67
C ARG A 398 -7.17 -1.65 -36.68
N LEU A 399 -6.66 -0.65 -37.36
CA LEU A 399 -5.23 -0.49 -37.39
C LEU A 399 -4.67 -0.31 -35.98
N LEU A 400 -5.47 0.23 -35.08
CA LEU A 400 -4.97 0.49 -33.72
C LEU A 400 -4.90 -0.79 -32.96
N GLN A 401 -5.85 -1.64 -33.31
CA GLN A 401 -5.99 -2.95 -32.74
C GLN A 401 -4.91 -3.88 -33.26
N GLU A 402 -4.53 -3.75 -34.53
CA GLU A 402 -3.54 -4.63 -35.14
C GLU A 402 -2.19 -4.07 -35.23
N SER A 403 -2.10 -2.76 -35.42
CA SER A 403 -0.78 -2.17 -35.60
C SER A 403 -0.57 -0.93 -34.79
N GLY A 404 -0.95 -1.01 -33.51
CA GLY A 404 -0.80 0.08 -32.57
C GLY A 404 0.62 0.68 -32.74
N ASN A 405 1.65 -0.12 -32.50
CA ASN A 405 2.97 0.44 -32.65
C ASN A 405 3.30 0.98 -34.04
N GLY A 406 2.64 0.44 -35.03
CA GLY A 406 2.93 0.89 -36.38
C GLY A 406 2.49 2.33 -36.47
N PHE A 407 1.20 2.48 -36.26
CA PHE A 407 0.56 3.75 -36.29
C PHE A 407 1.31 4.82 -35.50
N VAL A 408 1.64 4.46 -34.25
CA VAL A 408 2.26 5.41 -33.38
C VAL A 408 3.49 5.92 -34.02
N ARG A 409 4.36 4.99 -34.36
CA ARG A 409 5.61 5.34 -34.99
C ARG A 409 5.33 6.13 -36.26
N HIS A 410 4.26 5.76 -36.93
CA HIS A 410 3.93 6.42 -38.16
C HIS A 410 3.68 7.87 -37.84
N ASN A 411 2.75 8.04 -36.91
CA ASN A 411 2.28 9.32 -36.47
C ASN A 411 3.35 10.23 -35.93
N VAL A 412 4.56 9.71 -35.80
CA VAL A 412 5.62 10.47 -35.22
C VAL A 412 6.06 11.54 -36.13
N SER A 413 5.95 11.31 -37.42
CA SER A 413 6.45 12.30 -38.36
C SER A 413 5.43 12.59 -39.42
N CYS A 414 4.31 11.93 -39.31
CA CYS A 414 3.26 12.13 -40.26
C CYS A 414 1.96 12.52 -39.57
N LEU A 415 1.13 13.28 -40.26
CA LEU A 415 -0.15 13.68 -39.68
C LEU A 415 -1.19 12.73 -40.18
N SER A 416 -2.00 12.19 -39.27
CA SER A 416 -3.10 11.33 -39.67
C SER A 416 -4.39 12.05 -39.35
N ARG A 417 -5.39 11.86 -40.17
CA ARG A 417 -6.63 12.51 -39.89
C ARG A 417 -7.63 11.39 -39.75
N ILE A 418 -8.47 11.48 -38.74
CA ILE A 418 -9.45 10.44 -38.49
C ILE A 418 -10.77 11.18 -38.55
N TYR A 419 -11.84 10.48 -38.90
CA TYR A 419 -13.13 11.17 -38.99
C TYR A 419 -14.29 10.25 -38.66
N PRO A 420 -15.33 10.81 -38.09
CA PRO A 420 -16.44 10.02 -37.66
C PRO A 420 -16.99 8.98 -38.65
N ALA A 421 -17.39 7.85 -38.12
CA ALA A 421 -17.97 6.80 -38.91
C ALA A 421 -19.24 7.26 -39.65
N GLY A 422 -19.39 6.72 -40.86
CA GLY A 422 -20.46 7.00 -41.78
C GLY A 422 -21.81 6.89 -41.17
N TRP A 423 -22.00 5.98 -40.25
CA TRP A 423 -23.35 5.86 -39.70
C TRP A 423 -23.74 6.99 -38.79
N ARG A 424 -22.76 7.80 -38.38
CA ARG A 424 -23.08 8.90 -37.44
C ARG A 424 -23.78 10.07 -38.14
N THR A 425 -24.86 9.76 -38.83
CA THR A 425 -25.62 10.73 -39.58
C THR A 425 -26.25 11.76 -38.70
N ASP A 426 -26.06 11.57 -37.42
CA ASP A 426 -26.62 12.48 -36.43
C ASP A 426 -25.49 13.35 -35.92
N SER A 427 -24.33 13.26 -36.54
CA SER A 427 -23.22 14.12 -36.15
C SER A 427 -22.78 13.80 -34.74
N SER A 428 -23.15 12.64 -34.28
CA SER A 428 -22.70 12.15 -33.00
C SER A 428 -21.17 12.02 -33.17
N ASN A 429 -20.42 11.94 -32.07
CA ASN A 429 -18.93 11.83 -32.15
C ASN A 429 -18.38 10.58 -31.48
N TYR A 430 -17.20 10.23 -31.85
CA TYR A 430 -16.61 9.11 -31.25
C TYR A 430 -15.60 9.65 -30.25
N SER A 431 -14.96 8.77 -29.49
CA SER A 431 -14.06 9.30 -28.49
C SER A 431 -12.73 9.52 -29.12
N PRO A 432 -12.17 10.68 -28.87
CA PRO A 432 -10.91 11.05 -29.45
C PRO A 432 -9.72 10.41 -28.76
N VAL A 433 -9.89 10.19 -27.46
CA VAL A 433 -8.80 9.64 -26.65
C VAL A 433 -8.17 8.44 -27.30
N GLU A 434 -9.01 7.50 -27.69
CA GLU A 434 -8.57 6.30 -28.38
C GLU A 434 -7.61 6.59 -29.48
N MET A 435 -7.88 7.64 -30.23
CA MET A 435 -7.00 7.94 -31.34
C MET A 435 -5.76 8.67 -30.87
N TRP A 436 -5.97 9.57 -29.91
CA TRP A 436 -4.84 10.36 -29.46
C TRP A 436 -3.84 9.37 -28.93
N ASN A 437 -4.39 8.31 -28.31
CA ASN A 437 -3.56 7.27 -27.69
C ASN A 437 -2.66 6.63 -28.70
N GLY A 438 -2.98 6.81 -29.99
CA GLY A 438 -2.20 6.19 -31.07
C GLY A 438 -1.38 7.22 -31.75
N GLY A 439 -1.35 8.40 -31.15
CA GLY A 439 -0.58 9.47 -31.71
C GLY A 439 -1.29 10.19 -32.84
N CYS A 440 -2.54 9.82 -33.14
CA CYS A 440 -3.24 10.50 -34.21
C CYS A 440 -3.43 11.99 -33.91
N GLN A 441 -3.10 12.87 -34.84
CA GLN A 441 -3.23 14.28 -34.53
C GLN A 441 -4.41 15.11 -35.05
N ILE A 442 -4.90 14.78 -36.22
CA ILE A 442 -6.03 15.53 -36.75
C ILE A 442 -7.28 14.75 -36.54
N VAL A 443 -7.61 14.55 -35.29
CA VAL A 443 -8.78 13.80 -34.88
C VAL A 443 -10.02 14.65 -35.04
N ALA A 444 -10.71 14.48 -36.18
CA ALA A 444 -11.88 15.28 -36.51
C ALA A 444 -13.16 14.91 -35.85
N LEU A 445 -13.78 15.88 -35.20
CA LEU A 445 -15.09 15.65 -34.57
C LEU A 445 -16.14 16.65 -35.06
N ASN A 446 -17.40 16.28 -34.87
CA ASN A 446 -18.49 17.15 -35.20
C ASN A 446 -18.65 18.22 -34.14
N PHE A 447 -17.89 19.31 -34.25
CA PHE A 447 -17.97 20.43 -33.29
C PHE A 447 -19.33 20.96 -32.92
N GLN A 448 -20.36 20.63 -33.64
CA GLN A 448 -21.62 21.18 -33.29
C GLN A 448 -22.40 20.40 -32.31
N THR A 449 -21.90 19.24 -31.95
CA THR A 449 -22.62 18.28 -31.11
C THR A 449 -22.12 18.10 -29.70
N PRO A 450 -22.93 18.60 -28.81
CA PRO A 450 -22.72 18.47 -27.40
C PRO A 450 -22.65 17.01 -27.01
N GLY A 451 -21.77 16.69 -26.08
CA GLY A 451 -21.58 15.35 -25.55
C GLY A 451 -20.19 15.21 -24.93
N PRO A 452 -20.02 14.19 -24.13
CA PRO A 452 -18.75 13.89 -23.50
C PRO A 452 -17.61 13.90 -24.45
N GLU A 453 -17.84 13.56 -25.70
CA GLU A 453 -16.75 13.53 -26.65
C GLU A 453 -16.15 14.93 -26.93
N MET A 454 -17.02 15.92 -27.08
CA MET A 454 -16.58 17.29 -27.31
C MET A 454 -16.09 17.81 -25.95
N ASP A 455 -16.71 17.37 -24.87
CA ASP A 455 -16.25 17.73 -23.57
C ASP A 455 -14.75 17.33 -23.41
N VAL A 456 -14.42 16.09 -23.67
CA VAL A 456 -13.04 15.70 -23.57
C VAL A 456 -12.18 16.46 -24.58
N TYR A 457 -12.68 16.57 -25.77
CA TYR A 457 -11.93 17.25 -26.82
C TYR A 457 -11.56 18.65 -26.42
N LEU A 458 -12.54 19.45 -26.05
CA LEU A 458 -12.30 20.83 -25.68
C LEU A 458 -11.55 20.91 -24.35
N GLY A 459 -11.67 19.87 -23.53
CA GLY A 459 -10.96 19.89 -22.27
C GLY A 459 -9.49 19.78 -22.65
N CYS A 460 -9.21 18.82 -23.51
CA CYS A 460 -7.87 18.58 -23.99
C CYS A 460 -7.25 19.82 -24.51
N PHE A 461 -7.97 20.49 -25.39
CA PHE A 461 -7.43 21.68 -26.00
C PHE A 461 -7.44 22.97 -25.18
N GLN A 462 -8.02 22.97 -24.00
CA GLN A 462 -7.97 24.17 -23.17
C GLN A 462 -6.52 24.32 -22.71
N ASP A 463 -5.82 23.21 -22.66
CA ASP A 463 -4.41 23.20 -22.32
C ASP A 463 -3.67 24.08 -23.31
N ASN A 464 -2.44 24.40 -22.97
CA ASN A 464 -1.59 25.23 -23.80
C ASN A 464 -2.29 26.48 -24.30
N GLY A 465 -2.96 27.15 -23.38
CA GLY A 465 -3.59 28.41 -23.69
C GLY A 465 -4.54 28.26 -24.85
N GLY A 466 -5.07 27.06 -25.01
CA GLY A 466 -6.02 26.79 -26.05
C GLY A 466 -5.58 27.29 -27.39
N CYS A 467 -4.30 27.22 -27.66
CA CYS A 467 -3.86 27.75 -28.91
C CYS A 467 -4.26 26.82 -30.04
N GLY A 468 -4.71 25.63 -29.69
CA GLY A 468 -5.08 24.66 -30.72
C GLY A 468 -4.01 23.57 -30.98
N TYR A 469 -2.80 23.74 -30.46
CA TYR A 469 -1.79 22.73 -30.69
C TYR A 469 -1.28 22.28 -29.35
N VAL A 470 -1.27 20.97 -29.14
CA VAL A 470 -0.81 20.45 -27.89
C VAL A 470 0.25 19.40 -28.13
N LEU A 471 1.45 19.64 -27.61
CA LEU A 471 2.61 18.73 -27.77
C LEU A 471 2.30 17.35 -27.28
N LYS A 472 2.57 16.36 -28.12
CA LYS A 472 2.35 14.97 -27.70
C LYS A 472 3.42 14.62 -26.65
N PRO A 473 3.14 13.61 -25.85
CA PRO A 473 4.11 13.15 -24.87
C PRO A 473 5.29 12.68 -25.67
N ALA A 474 6.45 12.65 -25.03
CA ALA A 474 7.67 12.29 -25.71
C ALA A 474 7.63 10.92 -26.33
N PHE A 475 7.19 9.93 -25.56
CA PHE A 475 7.17 8.60 -26.15
C PHE A 475 6.27 8.54 -27.36
N LEU A 476 5.59 9.61 -27.72
CA LEU A 476 4.76 9.52 -28.91
C LEU A 476 5.40 10.36 -29.98
N ARG A 477 6.55 10.87 -29.60
CA ARG A 477 7.34 11.65 -30.52
C ARG A 477 8.74 10.98 -30.77
N ASP A 478 8.86 9.69 -30.46
CA ASP A 478 10.12 9.00 -30.68
C ASP A 478 9.88 7.95 -31.74
N PRO A 479 10.43 8.23 -32.90
CA PRO A 479 10.36 7.36 -34.05
C PRO A 479 10.62 5.91 -33.72
N ASN A 480 11.47 5.68 -32.72
CA ASN A 480 11.79 4.31 -32.33
C ASN A 480 11.06 3.94 -31.06
N THR A 481 9.73 3.86 -31.11
CA THR A 481 9.01 3.58 -29.90
C THR A 481 8.32 2.28 -29.93
N THR A 482 8.38 1.61 -28.79
CA THR A 482 7.75 0.31 -28.59
C THR A 482 6.41 0.46 -27.89
N PHE A 483 5.97 1.72 -27.68
CA PHE A 483 4.70 1.98 -27.03
C PHE A 483 3.52 1.43 -27.86
N ASN A 484 2.46 1.05 -27.18
CA ASN A 484 1.22 0.63 -27.80
C ASN A 484 0.28 0.54 -26.66
N SER A 485 -0.54 1.57 -26.53
CA SER A 485 -1.50 1.69 -25.47
C SER A 485 -2.31 0.42 -25.24
N ARG A 486 -2.32 -0.43 -26.27
CA ARG A 486 -3.08 -1.68 -26.28
C ARG A 486 -2.30 -2.91 -25.77
N ALA A 487 -0.99 -2.83 -25.80
CA ALA A 487 -0.17 -3.91 -25.33
C ALA A 487 0.85 -3.22 -24.49
N LEU A 488 0.45 -2.86 -23.28
CA LEU A 488 1.36 -2.11 -22.45
C LEU A 488 2.54 -2.89 -21.91
N THR A 489 3.72 -2.32 -22.05
CA THR A 489 4.97 -2.91 -21.60
C THR A 489 5.62 -1.83 -20.76
N GLN A 490 6.75 -2.11 -20.10
CA GLN A 490 7.38 -1.04 -19.33
C GLN A 490 7.99 -0.05 -20.29
N GLY A 491 7.87 1.22 -19.93
CA GLY A 491 8.45 2.26 -20.76
C GLY A 491 8.30 3.50 -19.95
N PRO A 492 8.89 4.56 -20.46
CA PRO A 492 8.76 5.86 -19.81
C PRO A 492 7.28 6.19 -19.60
N TRP A 493 6.44 5.74 -20.53
CA TRP A 493 5.04 6.05 -20.43
C TRP A 493 4.41 5.37 -19.25
N TRP A 494 5.09 4.36 -18.74
CA TRP A 494 4.50 3.63 -17.63
C TRP A 494 4.85 4.31 -16.32
N ARG A 495 3.88 4.97 -15.68
CA ARG A 495 4.21 5.70 -14.46
C ARG A 495 2.99 5.86 -13.58
N PRO A 496 2.57 4.78 -12.99
CA PRO A 496 1.38 4.76 -12.15
C PRO A 496 1.33 5.86 -11.11
N GLU A 497 0.13 6.39 -10.89
CA GLU A 497 -0.12 7.43 -9.90
C GLU A 497 -1.41 7.07 -9.24
N ARG A 498 -1.65 7.60 -8.06
CA ARG A 498 -2.85 7.29 -7.33
C ARG A 498 -3.67 8.59 -7.11
N LEU A 499 -4.82 8.67 -7.74
CA LEU A 499 -5.57 9.87 -7.66
C LEU A 499 -6.62 9.70 -6.67
N ARG A 500 -6.77 10.67 -5.79
CA ARG A 500 -7.85 10.58 -4.81
C ARG A 500 -8.56 11.87 -4.95
N VAL A 501 -9.84 11.80 -5.30
CA VAL A 501 -10.60 12.99 -5.51
C VAL A 501 -11.70 12.99 -4.48
N ARG A 502 -11.90 14.12 -3.82
CA ARG A 502 -12.96 14.20 -2.85
C ARG A 502 -14.02 15.15 -3.38
N ILE A 503 -15.21 14.63 -3.59
CA ILE A 503 -16.22 15.51 -4.07
C ILE A 503 -16.83 16.08 -2.82
N ILE A 504 -16.50 17.32 -2.52
CA ILE A 504 -17.04 17.87 -1.28
C ILE A 504 -18.42 18.50 -1.31
N SER A 505 -18.60 19.52 -2.12
CA SER A 505 -19.89 20.15 -2.16
C SER A 505 -20.06 20.80 -3.52
N GLY A 506 -21.27 21.20 -3.81
CA GLY A 506 -21.59 21.83 -5.06
C GLY A 506 -22.15 23.18 -4.73
N GLN A 507 -21.93 24.11 -5.62
CA GLN A 507 -22.34 25.47 -5.35
C GLN A 507 -23.14 25.96 -6.53
N GLN A 508 -24.34 26.47 -6.25
CA GLN A 508 -25.21 27.03 -7.26
C GLN A 508 -25.27 26.31 -8.56
N LEU A 509 -25.53 25.00 -8.49
CA LEU A 509 -25.70 24.18 -9.70
C LEU A 509 -26.89 24.79 -10.46
N PRO A 510 -26.70 25.02 -11.76
CA PRO A 510 -27.70 25.63 -12.61
C PRO A 510 -28.93 24.78 -12.79
N LYS A 511 -30.10 25.44 -12.91
CA LYS A 511 -31.36 24.75 -13.10
C LYS A 511 -31.44 24.26 -14.53
N VAL A 512 -31.14 22.97 -14.69
CA VAL A 512 -31.14 22.38 -16.02
C VAL A 512 -32.45 22.38 -16.75
N ASN A 513 -32.81 23.62 -17.06
CA ASN A 513 -34.04 24.01 -17.73
C ASN A 513 -35.30 23.57 -16.96
N LYS A 514 -35.84 22.42 -17.37
CA LYS A 514 -37.06 21.90 -16.81
C LYS A 514 -38.18 22.94 -16.91
N ASN A 515 -39.27 22.50 -17.52
CA ASN A 515 -40.44 23.35 -17.75
C ASN A 515 -41.23 23.63 -16.47
N LYS A 516 -40.52 23.83 -15.35
CA LYS A 516 -41.20 24.05 -14.07
C LYS A 516 -40.29 24.54 -12.97
N ASN A 517 -40.90 24.77 -11.82
CA ASN A 517 -40.16 25.11 -10.63
C ASN A 517 -40.04 23.86 -9.75
N SER A 518 -38.96 23.13 -10.01
CA SER A 518 -38.61 21.95 -9.25
C SER A 518 -37.18 22.23 -8.78
N ILE A 519 -36.64 21.41 -7.89
CA ILE A 519 -35.28 21.64 -7.44
C ILE A 519 -34.48 20.55 -8.01
N VAL A 520 -33.21 20.81 -8.15
CA VAL A 520 -32.37 19.79 -8.68
C VAL A 520 -32.10 18.72 -7.65
N ASP A 521 -31.68 17.54 -8.12
CA ASP A 521 -31.40 16.38 -7.27
C ASP A 521 -30.10 15.84 -7.76
N PRO A 522 -29.03 16.56 -7.46
CA PRO A 522 -27.72 16.25 -8.00
C PRO A 522 -26.91 15.07 -7.53
N LYS A 523 -26.10 14.58 -8.45
CA LYS A 523 -25.16 13.52 -8.21
C LYS A 523 -23.97 13.84 -9.09
N VAL A 524 -22.79 13.35 -8.73
CA VAL A 524 -21.59 13.67 -9.47
C VAL A 524 -20.89 12.43 -9.99
N ILE A 525 -20.35 12.53 -11.20
CA ILE A 525 -19.67 11.37 -11.76
C ILE A 525 -18.29 11.81 -12.04
N VAL A 526 -17.30 10.96 -11.77
CA VAL A 526 -15.95 11.37 -12.03
C VAL A 526 -15.45 10.31 -12.86
N GLU A 527 -14.74 10.65 -13.91
CA GLU A 527 -14.30 9.65 -14.84
C GLU A 527 -12.90 9.85 -15.29
N ILE A 528 -12.25 8.73 -15.57
CA ILE A 528 -10.87 8.76 -16.00
C ILE A 528 -10.87 8.26 -17.41
N HIS A 529 -10.29 9.06 -18.27
CA HIS A 529 -10.22 8.79 -19.67
C HIS A 529 -8.73 8.71 -20.01
N GLY A 530 -8.32 7.70 -20.77
CA GLY A 530 -6.92 7.55 -21.18
C GLY A 530 -6.81 6.15 -21.83
N VAL A 531 -5.67 5.47 -21.65
CA VAL A 531 -5.50 4.13 -22.16
C VAL A 531 -6.61 3.32 -21.50
N GLY A 532 -6.99 2.22 -22.14
CA GLY A 532 -8.12 1.46 -21.68
C GLY A 532 -7.99 0.98 -20.27
N ARG A 533 -6.78 0.53 -19.94
CA ARG A 533 -6.49 -0.02 -18.62
C ARG A 533 -6.81 0.99 -17.57
N ASP A 534 -6.60 2.25 -17.93
CA ASP A 534 -6.87 3.36 -17.02
C ASP A 534 -8.31 3.86 -17.01
N THR A 535 -9.17 3.44 -17.95
CA THR A 535 -10.48 4.03 -17.88
C THR A 535 -11.34 3.61 -16.71
N GLY A 536 -11.90 4.54 -15.97
CA GLY A 536 -12.71 4.23 -14.81
C GLY A 536 -13.78 5.31 -14.72
N SER A 537 -14.80 5.08 -13.92
CA SER A 537 -15.87 6.03 -13.72
C SER A 537 -16.39 5.68 -12.35
N ARG A 538 -16.91 6.67 -11.60
CA ARG A 538 -17.45 6.46 -10.25
C ARG A 538 -18.49 7.51 -10.08
N GLN A 539 -19.48 7.27 -9.24
CA GLN A 539 -20.46 8.32 -9.01
C GLN A 539 -20.88 8.43 -7.57
N THR A 540 -21.34 9.61 -7.21
CA THR A 540 -21.73 9.85 -5.86
C THR A 540 -23.17 9.55 -5.70
N ALA A 541 -23.67 9.86 -4.53
CA ALA A 541 -25.06 9.66 -4.24
C ALA A 541 -25.77 10.90 -4.72
N VAL A 542 -27.10 10.82 -4.71
CA VAL A 542 -27.89 11.97 -5.13
C VAL A 542 -28.27 12.68 -3.89
N ILE A 543 -28.26 13.98 -3.96
CA ILE A 543 -28.69 14.79 -2.84
C ILE A 543 -30.02 15.20 -3.41
N THR A 544 -31.09 14.95 -2.68
CA THR A 544 -32.35 15.34 -3.30
C THR A 544 -32.72 16.79 -3.06
N ASN A 545 -33.28 17.42 -4.07
CA ASN A 545 -33.75 18.78 -3.92
C ASN A 545 -32.77 19.83 -3.43
N ASN A 546 -31.53 19.80 -3.91
CA ASN A 546 -30.61 20.85 -3.54
C ASN A 546 -29.62 21.11 -4.65
N GLY A 547 -29.60 22.32 -5.16
CA GLY A 547 -28.64 22.65 -6.18
C GLY A 547 -27.81 23.82 -5.72
N PHE A 548 -28.30 24.48 -4.68
CA PHE A 548 -27.65 25.65 -4.19
C PHE A 548 -26.38 25.40 -3.48
N ASN A 549 -26.39 24.32 -2.71
CA ASN A 549 -25.26 23.98 -1.91
C ASN A 549 -25.33 22.53 -1.41
N PRO A 550 -25.45 21.63 -2.36
CA PRO A 550 -25.46 20.22 -2.02
C PRO A 550 -24.06 19.86 -1.44
N ARG A 551 -24.04 19.01 -0.43
CA ARG A 551 -22.76 18.59 0.12
C ARG A 551 -22.76 17.10 0.10
N TRP A 552 -21.73 16.50 -0.51
CA TRP A 552 -21.66 15.03 -0.66
C TRP A 552 -20.57 14.46 0.19
N ASP A 553 -19.42 15.11 0.19
CA ASP A 553 -18.25 14.63 0.92
C ASP A 553 -17.91 13.18 0.64
N MET A 554 -17.71 12.87 -0.63
CA MET A 554 -17.42 11.52 -1.05
C MET A 554 -16.11 11.49 -1.75
N GLU A 555 -15.37 10.42 -1.56
CA GLU A 555 -14.08 10.39 -2.21
C GLU A 555 -13.88 9.15 -3.00
N PHE A 556 -13.16 9.30 -4.10
CA PHE A 556 -12.92 8.21 -4.99
C PHE A 556 -11.43 8.11 -5.21
N GLU A 557 -10.99 6.94 -5.62
CA GLU A 557 -9.60 6.78 -5.85
C GLU A 557 -9.39 6.00 -7.11
N PHE A 558 -8.43 6.44 -7.92
CA PHE A 558 -8.19 5.75 -9.13
C PHE A 558 -6.71 5.54 -9.25
N GLU A 559 -6.33 4.43 -9.88
CA GLU A 559 -4.95 4.18 -10.20
C GLU A 559 -4.80 4.45 -11.71
N VAL A 560 -3.76 5.18 -12.11
CA VAL A 560 -3.59 5.51 -13.51
C VAL A 560 -2.17 5.25 -13.84
N THR A 561 -1.99 4.32 -14.72
CA THR A 561 -0.68 3.89 -15.12
C THR A 561 -0.10 4.81 -16.18
N VAL A 562 -0.96 5.47 -16.95
CA VAL A 562 -0.46 6.35 -18.02
C VAL A 562 -1.09 7.75 -18.03
N PRO A 563 -0.82 8.44 -16.92
CA PRO A 563 -1.24 9.77 -16.67
C PRO A 563 -1.03 10.64 -17.85
N ASP A 564 0.09 10.48 -18.52
CA ASP A 564 0.37 11.35 -19.65
C ASP A 564 -0.61 11.34 -20.79
N LEU A 565 -1.55 10.39 -20.73
CA LEU A 565 -2.60 10.27 -21.73
C LEU A 565 -3.96 10.35 -21.04
N ALA A 566 -3.97 10.58 -19.74
CA ALA A 566 -5.26 10.64 -19.02
C ALA A 566 -5.91 12.02 -19.02
N LEU A 567 -7.20 12.04 -18.65
CA LEU A 567 -8.02 13.23 -18.48
C LEU A 567 -9.02 12.86 -17.44
N VAL A 568 -9.42 13.84 -16.66
CA VAL A 568 -10.30 13.58 -15.58
C VAL A 568 -11.52 14.41 -15.81
N ARG A 569 -12.68 13.78 -15.69
CA ARG A 569 -13.87 14.47 -15.99
C ARG A 569 -14.84 14.45 -14.90
N PHE A 570 -15.34 15.62 -14.62
CA PHE A 570 -16.34 15.78 -13.61
C PHE A 570 -17.67 16.10 -14.29
N MET A 571 -18.70 15.32 -14.03
CA MET A 571 -19.98 15.63 -14.60
C MET A 571 -21.06 15.59 -13.54
N VAL A 572 -22.00 16.51 -13.61
CA VAL A 572 -23.11 16.56 -12.69
C VAL A 572 -24.46 16.42 -13.44
N GLU A 573 -25.17 15.36 -13.09
CA GLU A 573 -26.47 15.05 -13.66
C GLU A 573 -27.55 15.33 -12.64
N ASP A 574 -28.73 15.69 -13.10
CA ASP A 574 -29.87 15.90 -12.19
C ASP A 574 -30.56 14.54 -12.25
N TYR A 575 -30.69 13.87 -11.12
CA TYR A 575 -31.30 12.57 -11.11
C TYR A 575 -32.77 12.52 -11.31
N ASP A 576 -33.15 11.56 -12.16
CA ASP A 576 -34.54 11.26 -12.48
C ASP A 576 -34.76 9.74 -12.34
N SER A 577 -35.64 9.41 -11.40
CA SER A 577 -35.99 8.04 -11.07
C SER A 577 -36.67 7.53 -12.30
N SER A 578 -37.68 8.31 -12.70
CA SER A 578 -38.52 8.06 -13.87
C SER A 578 -37.70 8.09 -15.16
N SER A 579 -37.30 9.30 -15.56
CA SER A 579 -36.52 9.54 -16.76
C SER A 579 -35.02 9.25 -16.71
N LYS A 580 -34.32 9.87 -17.67
CA LYS A 580 -32.88 9.74 -17.83
C LYS A 580 -32.19 10.28 -16.60
N ASN A 581 -31.47 11.36 -16.85
CA ASN A 581 -30.73 12.02 -15.85
C ASN A 581 -30.11 13.26 -16.44
N ASP A 582 -30.86 14.33 -16.40
CA ASP A 582 -30.42 15.61 -16.92
C ASP A 582 -28.96 16.03 -16.58
N PHE A 583 -28.20 16.27 -17.63
CA PHE A 583 -26.84 16.75 -17.47
C PHE A 583 -27.00 18.17 -16.98
N ILE A 584 -26.21 18.53 -15.99
CA ILE A 584 -26.29 19.84 -15.42
C ILE A 584 -25.08 20.63 -15.80
N GLY A 585 -23.91 20.00 -15.74
CA GLY A 585 -22.67 20.67 -16.08
C GLY A 585 -21.53 19.68 -16.06
N GLN A 586 -20.39 20.09 -16.53
CA GLN A 586 -19.32 19.18 -16.63
C GLN A 586 -18.01 19.93 -16.71
N SER A 587 -16.90 19.20 -16.55
CA SER A 587 -15.57 19.76 -16.68
C SER A 587 -14.50 18.71 -16.89
N THR A 588 -13.68 18.89 -17.91
CA THR A 588 -12.63 17.96 -18.19
C THR A 588 -11.27 18.59 -18.09
N ILE A 589 -10.45 18.01 -17.26
CA ILE A 589 -9.13 18.51 -17.06
C ILE A 589 -8.14 17.43 -17.46
N PRO A 590 -7.14 17.82 -18.25
CA PRO A 590 -6.10 16.94 -18.66
C PRO A 590 -5.27 16.65 -17.40
N TRP A 591 -4.80 15.42 -17.26
CA TRP A 591 -4.03 15.04 -16.11
C TRP A 591 -2.95 15.99 -15.67
N ASN A 592 -2.13 16.45 -16.59
CA ASN A 592 -1.05 17.35 -16.17
C ASN A 592 -1.45 18.75 -15.77
N SER A 593 -2.73 19.08 -15.95
CA SER A 593 -3.22 20.39 -15.57
C SER A 593 -4.08 20.27 -14.33
N LEU A 594 -4.24 19.04 -13.90
CA LEU A 594 -5.01 18.78 -12.71
C LEU A 594 -4.26 19.43 -11.56
N LYS A 595 -4.92 20.31 -10.84
CA LYS A 595 -4.24 20.93 -9.71
C LYS A 595 -4.60 20.23 -8.43
N GLN A 596 -3.71 20.23 -7.44
CA GLN A 596 -3.98 19.52 -6.18
C GLN A 596 -4.48 20.37 -5.04
N GLY A 597 -5.07 19.72 -4.07
CA GLY A 597 -5.52 20.42 -2.91
C GLY A 597 -6.95 20.83 -3.00
N TYR A 598 -7.27 21.95 -2.40
CA TYR A 598 -8.64 22.35 -2.47
C TYR A 598 -8.78 23.19 -3.69
N ARG A 599 -9.71 22.81 -4.53
CA ARG A 599 -9.95 23.59 -5.69
C ARG A 599 -11.40 23.55 -6.02
N HIS A 600 -11.80 24.48 -6.85
CA HIS A 600 -13.16 24.51 -7.35
C HIS A 600 -13.12 24.12 -8.80
N VAL A 601 -14.11 23.33 -9.22
CA VAL A 601 -14.20 22.94 -10.60
C VAL A 601 -15.28 23.82 -11.17
N HIS A 602 -14.93 24.65 -12.16
CA HIS A 602 -15.90 25.52 -12.78
C HIS A 602 -16.61 24.82 -13.87
N LEU A 603 -17.90 24.58 -13.62
CA LEU A 603 -18.74 23.85 -14.54
C LEU A 603 -19.09 24.49 -15.87
N LEU A 604 -19.27 23.67 -16.88
CA LEU A 604 -19.63 24.16 -18.20
C LEU A 604 -20.94 23.59 -18.66
N SER A 605 -21.67 24.38 -19.44
CA SER A 605 -22.94 23.96 -20.03
C SER A 605 -22.60 22.92 -21.11
N LYS A 606 -23.65 22.35 -21.71
CA LYS A 606 -23.46 21.34 -22.73
C LYS A 606 -22.77 21.89 -23.94
N ASN A 607 -22.90 23.21 -24.16
CA ASN A 607 -22.35 23.88 -25.33
C ASN A 607 -20.98 24.37 -25.10
N GLY A 608 -20.41 24.04 -23.95
CA GLY A 608 -19.04 24.43 -23.65
C GLY A 608 -18.91 25.83 -23.08
N ASP A 609 -20.02 26.43 -22.71
CA ASP A 609 -20.02 27.77 -22.18
C ASP A 609 -19.77 27.72 -20.71
N GLN A 610 -19.16 28.79 -20.18
CA GLN A 610 -18.85 28.89 -18.77
C GLN A 610 -20.07 29.23 -17.92
N HIS A 611 -20.23 28.54 -16.81
CA HIS A 611 -21.37 28.77 -15.96
C HIS A 611 -20.83 29.54 -14.80
N PRO A 612 -20.97 30.84 -14.93
CA PRO A 612 -20.53 31.83 -13.99
C PRO A 612 -20.33 31.39 -12.52
N SER A 613 -21.39 30.94 -11.88
CA SER A 613 -21.27 30.59 -10.49
C SER A 613 -21.44 29.15 -10.18
N ALA A 614 -21.39 28.29 -11.20
CA ALA A 614 -21.58 26.89 -10.92
C ALA A 614 -20.24 26.30 -10.78
N THR A 615 -20.04 25.62 -9.66
CA THR A 615 -18.76 25.02 -9.28
C THR A 615 -18.97 23.78 -8.39
N LEU A 616 -17.92 22.99 -8.33
CA LEU A 616 -17.89 21.87 -7.45
C LEU A 616 -16.68 22.21 -6.63
N PHE A 617 -16.71 21.84 -5.37
CA PHE A 617 -15.59 22.13 -4.54
C PHE A 617 -15.00 20.81 -4.26
N VAL A 618 -13.73 20.66 -4.55
CA VAL A 618 -13.07 19.38 -4.35
C VAL A 618 -11.63 19.43 -3.73
N LYS A 619 -11.18 18.25 -3.33
CA LYS A 619 -9.86 18.11 -2.78
C LYS A 619 -9.17 17.03 -3.59
N ILE A 620 -8.22 17.45 -4.39
CA ILE A 620 -7.45 16.56 -5.24
C ILE A 620 -6.07 16.25 -4.70
N SER A 621 -5.74 14.98 -4.71
CA SER A 621 -4.44 14.55 -4.26
C SER A 621 -3.92 13.46 -5.18
N ILE A 622 -2.69 13.65 -5.64
CA ILE A 622 -2.04 12.72 -6.55
C ILE A 622 -0.70 12.30 -5.98
N GLN A 623 -0.52 10.99 -5.76
CA GLN A 623 0.76 10.51 -5.26
C GLN A 623 1.26 9.31 -6.04
N ASP A 624 2.57 9.30 -6.28
CA ASP A 624 3.25 8.17 -6.92
C ASP A 624 3.64 7.24 -5.77
N ASN B 26 2.35 -21.91 72.88
CA ASN B 26 3.38 -21.45 71.96
C ASN B 26 4.16 -22.60 71.27
N LYS B 27 3.51 -23.77 71.23
CA LYS B 27 4.08 -24.97 70.60
C LYS B 27 3.43 -25.12 69.22
N MET B 28 3.80 -26.18 68.49
CA MET B 28 3.20 -26.44 67.17
C MET B 28 2.88 -27.92 67.02
N ASN B 29 1.66 -28.24 66.62
CA ASN B 29 1.30 -29.63 66.44
C ASN B 29 1.23 -29.85 64.97
N PHE B 30 1.07 -31.10 64.55
CA PHE B 30 1.01 -31.44 63.13
C PHE B 30 0.14 -30.52 62.29
N LYS B 31 -1.16 -30.56 62.59
CA LYS B 31 -2.15 -29.77 61.88
C LYS B 31 -1.76 -28.30 61.79
N GLU B 32 -1.45 -27.68 62.93
CA GLU B 32 -1.01 -26.28 62.98
C GLU B 32 0.09 -26.11 61.91
N LEU B 33 0.85 -27.19 61.72
CA LEU B 33 1.95 -27.26 60.75
C LEU B 33 1.41 -27.58 59.37
N LYS B 34 0.64 -28.67 59.28
CA LYS B 34 0.02 -29.09 58.02
C LYS B 34 -0.72 -27.88 57.44
N ASP B 35 -1.09 -26.95 58.32
CA ASP B 35 -1.76 -25.69 57.98
C ASP B 35 -0.71 -24.72 57.49
N PHE B 36 0.11 -24.25 58.43
CA PHE B 36 1.19 -23.29 58.22
C PHE B 36 1.91 -23.52 56.89
N LEU B 37 2.08 -24.79 56.54
CA LEU B 37 2.74 -25.15 55.29
C LEU B 37 1.91 -24.51 54.24
N LYS B 38 0.73 -25.10 54.00
CA LYS B 38 -0.25 -24.58 53.04
C LYS B 38 -0.37 -23.04 52.99
N GLU B 39 -0.15 -22.38 54.14
CA GLU B 39 -0.18 -20.90 54.26
C GLU B 39 0.76 -20.41 53.16
N LEU B 40 2.04 -20.74 53.34
CA LEU B 40 3.10 -20.47 52.38
C LEU B 40 2.75 -21.48 51.28
N ASN B 41 2.66 -21.03 50.03
CA ASN B 41 2.28 -21.92 48.91
C ASN B 41 3.11 -23.22 48.95
N ILE B 42 2.71 -24.17 49.78
CA ILE B 42 3.53 -25.39 49.89
C ILE B 42 2.80 -26.69 49.82
N GLN B 43 3.03 -27.43 48.75
CA GLN B 43 2.39 -28.72 48.61
C GLN B 43 3.38 -29.81 49.01
N VAL B 44 3.35 -30.22 50.27
CA VAL B 44 4.30 -31.28 50.66
C VAL B 44 3.70 -32.53 51.23
N ASP B 45 4.28 -33.66 50.83
CA ASP B 45 3.83 -34.93 51.34
C ASP B 45 3.70 -34.97 52.87
N ASP B 46 2.44 -35.07 53.32
CA ASP B 46 2.11 -35.15 54.74
C ASP B 46 3.01 -36.21 55.41
N GLY B 47 3.39 -37.25 54.66
CA GLY B 47 4.27 -38.28 55.22
C GLY B 47 5.61 -37.66 55.63
N TYR B 48 6.20 -36.97 54.67
CA TYR B 48 7.46 -36.30 54.82
C TYR B 48 7.29 -35.28 55.94
N ALA B 49 6.33 -34.39 55.78
CA ALA B 49 6.10 -33.37 56.79
C ALA B 49 6.01 -33.91 58.23
N ARG B 50 5.45 -35.11 58.37
CA ARG B 50 5.29 -35.77 59.66
C ARG B 50 6.69 -36.10 60.14
N LYS B 51 7.30 -36.94 59.32
CA LYS B 51 8.65 -37.44 59.53
C LYS B 51 9.54 -36.29 59.91
N ILE B 52 9.58 -35.26 59.08
CA ILE B 52 10.40 -34.11 59.40
C ILE B 52 9.98 -33.52 60.71
N PHE B 53 8.69 -33.55 60.94
CA PHE B 53 8.16 -32.94 62.12
C PHE B 53 8.50 -33.73 63.39
N ARG B 54 8.55 -35.05 63.26
CA ARG B 54 8.89 -35.92 64.38
C ARG B 54 10.36 -35.75 64.72
N GLU B 55 11.20 -35.87 63.70
CA GLU B 55 12.63 -35.66 63.80
C GLU B 55 12.99 -34.41 64.56
N CYS B 56 12.12 -33.42 64.50
CA CYS B 56 12.38 -32.15 65.15
C CYS B 56 11.98 -31.99 66.61
N ASP B 57 11.18 -32.93 67.13
CA ASP B 57 10.72 -32.91 68.54
C ASP B 57 11.54 -33.80 69.48
N HIS B 58 12.23 -33.15 70.40
CA HIS B 58 13.05 -33.87 71.38
C HIS B 58 12.21 -34.39 72.53
N SER B 59 11.32 -33.51 73.01
CA SER B 59 10.40 -33.78 74.09
C SER B 59 9.66 -35.10 73.92
N GLN B 60 9.18 -35.33 72.69
CA GLN B 60 8.42 -36.52 72.29
C GLN B 60 6.95 -36.30 72.52
N THR B 61 6.64 -35.04 72.83
CA THR B 61 5.30 -34.59 73.15
C THR B 61 4.42 -34.37 71.93
N ASP B 62 4.98 -34.59 70.75
CA ASP B 62 4.29 -34.38 69.48
C ASP B 62 3.85 -32.93 69.28
N SER B 63 4.62 -32.03 69.86
CA SER B 63 4.41 -30.61 69.71
C SER B 63 5.82 -30.00 69.50
N LEU B 64 5.86 -28.86 68.80
CA LEU B 64 7.13 -28.23 68.47
C LEU B 64 7.35 -26.85 69.10
N GLU B 65 8.48 -26.68 69.77
CA GLU B 65 8.80 -25.41 70.40
C GLU B 65 9.39 -24.53 69.32
N ASP B 66 10.19 -23.53 69.73
CA ASP B 66 10.81 -22.59 68.80
C ASP B 66 11.95 -23.19 67.95
N GLU B 67 13.10 -23.46 68.60
CA GLU B 67 14.29 -24.06 67.96
C GLU B 67 13.82 -25.25 67.10
N GLU B 68 12.71 -25.85 67.55
CA GLU B 68 12.12 -26.98 66.87
C GLU B 68 11.39 -26.57 65.58
N ILE B 69 10.85 -25.36 65.52
CA ILE B 69 10.24 -24.97 64.26
C ILE B 69 11.28 -24.47 63.31
N GLU B 70 12.24 -23.71 63.84
CA GLU B 70 13.36 -23.17 63.07
C GLU B 70 13.94 -24.38 62.37
N THR B 71 14.43 -25.31 63.18
CA THR B 71 14.96 -26.57 62.68
C THR B 71 13.98 -27.26 61.73
N PHE B 72 12.69 -27.20 62.02
CA PHE B 72 11.76 -27.86 61.12
C PHE B 72 11.73 -27.25 59.70
N TYR B 73 11.41 -25.96 59.64
CA TYR B 73 11.27 -25.17 58.42
C TYR B 73 12.55 -25.16 57.52
N LYS B 74 13.70 -25.04 58.16
CA LYS B 74 14.94 -25.07 57.44
C LYS B 74 15.11 -26.44 56.85
N MET B 75 14.90 -27.48 57.64
CA MET B 75 15.05 -28.87 57.15
C MET B 75 14.24 -29.07 55.88
N LEU B 76 13.07 -28.47 55.92
CA LEU B 76 12.08 -28.55 54.85
C LEU B 76 12.44 -27.80 53.57
N THR B 77 12.89 -26.57 53.73
CA THR B 77 13.24 -25.72 52.61
C THR B 77 14.71 -25.61 52.27
N GLN B 78 15.55 -26.44 52.86
CA GLN B 78 16.95 -26.28 52.54
C GLN B 78 17.24 -27.02 51.27
N ARG B 79 18.10 -26.46 50.44
CA ARG B 79 18.48 -27.13 49.20
C ARG B 79 19.95 -27.40 49.22
N ALA B 80 20.30 -28.65 49.43
CA ALA B 80 21.68 -29.01 49.51
C ALA B 80 22.48 -28.59 48.32
N GLU B 81 21.95 -28.86 47.13
CA GLU B 81 22.67 -28.62 45.88
C GLU B 81 23.22 -27.22 45.86
N ILE B 82 22.42 -26.32 46.38
CA ILE B 82 22.82 -24.96 46.45
C ILE B 82 23.91 -24.75 47.48
N ASP B 83 23.74 -25.41 48.62
CA ASP B 83 24.69 -25.30 49.73
C ASP B 83 26.05 -25.65 49.14
N ARG B 84 26.12 -26.85 48.60
CA ARG B 84 27.34 -27.32 48.03
C ARG B 84 27.86 -26.38 46.99
N ALA B 85 26.97 -25.83 46.20
CA ALA B 85 27.46 -24.92 45.19
C ALA B 85 28.12 -23.69 45.84
N PHE B 86 27.45 -23.13 46.83
CA PHE B 86 27.98 -21.98 47.53
C PHE B 86 29.29 -22.33 48.18
N GLU B 87 29.33 -23.48 48.88
CA GLU B 87 30.54 -23.93 49.57
C GLU B 87 31.65 -23.88 48.56
N GLU B 88 31.60 -24.71 47.53
CA GLU B 88 32.62 -24.72 46.48
C GLU B 88 32.93 -23.34 45.96
N ALA B 89 32.06 -22.40 46.22
CA ALA B 89 32.35 -21.06 45.78
C ALA B 89 33.21 -20.36 46.78
N ALA B 90 32.65 -20.15 47.97
CA ALA B 90 33.28 -19.40 49.07
C ALA B 90 34.39 -20.16 49.74
N GLY B 91 34.22 -21.47 49.73
CA GLY B 91 35.16 -22.39 50.35
C GLY B 91 35.17 -22.19 51.86
N SER B 92 36.32 -21.72 52.34
CA SER B 92 36.64 -21.50 53.76
C SER B 92 35.95 -20.30 54.41
N ALA B 93 35.01 -19.69 53.70
CA ALA B 93 34.33 -18.57 54.28
C ALA B 93 32.92 -18.95 54.61
N GLU B 94 32.18 -17.95 55.06
CA GLU B 94 30.78 -18.10 55.34
C GLU B 94 30.21 -17.14 54.32
N THR B 95 31.12 -16.49 53.57
CA THR B 95 30.74 -15.48 52.61
C THR B 95 31.55 -15.48 51.31
N LEU B 96 30.98 -14.94 50.23
CA LEU B 96 31.73 -14.85 48.96
C LEU B 96 32.23 -13.43 48.84
N SER B 97 33.53 -13.28 48.67
CA SER B 97 34.09 -11.96 48.50
C SER B 97 34.03 -11.79 47.00
N VAL B 98 34.06 -10.54 46.57
CA VAL B 98 34.00 -10.24 45.16
C VAL B 98 34.94 -11.08 44.34
N GLU B 99 36.12 -11.20 44.85
CA GLU B 99 37.10 -11.94 44.12
C GLU B 99 36.67 -13.40 43.94
N ARG B 100 35.99 -13.94 44.95
CA ARG B 100 35.53 -15.32 44.84
C ARG B 100 34.36 -15.36 43.87
N LEU B 101 33.50 -14.36 44.00
CA LEU B 101 32.34 -14.23 43.15
C LEU B 101 32.81 -14.26 41.73
N VAL B 102 33.72 -13.40 41.42
CA VAL B 102 34.23 -13.34 40.09
C VAL B 102 34.82 -14.65 39.65
N THR B 103 35.54 -15.30 40.53
CA THR B 103 36.10 -16.56 40.13
C THR B 103 34.92 -17.49 39.78
N PHE B 104 33.84 -17.39 40.56
CA PHE B 104 32.66 -18.19 40.30
C PHE B 104 32.08 -17.86 38.92
N LEU B 105 31.83 -16.57 38.73
CA LEU B 105 31.28 -16.05 37.47
C LEU B 105 32.06 -16.52 36.27
N GLN B 106 33.37 -16.61 36.37
CA GLN B 106 34.06 -17.04 35.19
C GLN B 106 34.22 -18.51 35.12
N HIS B 107 34.75 -19.09 36.17
CA HIS B 107 34.97 -20.50 36.11
C HIS B 107 33.68 -21.29 35.91
N GLN B 108 32.68 -20.95 36.70
CA GLN B 108 31.40 -21.63 36.69
C GLN B 108 30.39 -21.08 35.72
N GLN B 109 29.88 -19.90 36.02
CA GLN B 109 28.93 -19.29 35.15
C GLN B 109 29.48 -18.96 33.78
N ARG B 110 30.76 -19.21 33.55
CA ARG B 110 31.41 -18.91 32.27
C ARG B 110 31.07 -17.60 31.62
N GLU B 111 30.93 -16.56 32.41
CA GLU B 111 30.61 -15.26 31.86
C GLU B 111 31.84 -14.63 31.22
N GLU B 112 31.64 -13.95 30.10
CA GLU B 112 32.73 -13.29 29.41
C GLU B 112 33.02 -11.94 30.10
N GLU B 113 31.96 -11.19 30.40
CA GLU B 113 32.12 -9.89 31.08
C GLU B 113 32.48 -10.12 32.55
N ALA B 114 32.92 -11.32 32.86
CA ALA B 114 33.29 -11.67 34.22
C ALA B 114 34.29 -10.66 34.77
N GLY B 115 33.96 -10.03 35.89
CA GLY B 115 34.82 -9.03 36.51
C GLY B 115 34.05 -8.30 37.60
N PRO B 116 34.82 -7.73 38.53
CA PRO B 116 34.32 -6.98 39.69
C PRO B 116 33.10 -6.15 39.35
N ALA B 117 33.07 -5.61 38.15
CA ALA B 117 31.93 -4.79 37.73
C ALA B 117 30.63 -5.54 37.88
N LEU B 118 30.63 -6.74 37.29
CA LEU B 118 29.50 -7.64 37.31
C LEU B 118 29.26 -8.20 38.69
N ALA B 119 30.33 -8.77 39.24
CA ALA B 119 30.32 -9.39 40.55
C ALA B 119 29.64 -8.41 41.51
N LEU B 120 29.98 -7.14 41.37
CA LEU B 120 29.44 -6.10 42.24
C LEU B 120 27.97 -5.86 42.03
N SER B 121 27.62 -5.65 40.78
CA SER B 121 26.25 -5.40 40.44
C SER B 121 25.42 -6.53 40.99
N LEU B 122 25.97 -7.75 40.94
CA LEU B 122 25.22 -8.88 41.43
C LEU B 122 24.87 -8.67 42.88
N ILE B 123 25.91 -8.44 43.65
CA ILE B 123 25.81 -8.18 45.08
C ILE B 123 24.87 -6.99 45.39
N GLU B 124 25.12 -5.85 44.74
CA GLU B 124 24.29 -4.68 45.01
C GLU B 124 22.87 -5.02 44.76
N ARG B 125 22.65 -5.61 43.60
CA ARG B 125 21.35 -5.99 43.17
C ARG B 125 20.76 -7.18 43.93
N TYR B 126 21.58 -8.14 44.36
CA TYR B 126 20.97 -9.31 45.02
C TYR B 126 21.26 -9.63 46.48
N GLU B 127 22.23 -8.94 47.07
CA GLU B 127 22.56 -9.27 48.44
C GLU B 127 21.58 -8.67 49.42
N PRO B 128 20.93 -9.56 50.15
CA PRO B 128 19.94 -9.19 51.18
C PRO B 128 20.61 -8.51 52.44
N SER B 129 21.78 -9.02 52.86
CA SER B 129 22.49 -8.49 54.05
C SER B 129 23.05 -7.08 53.83
N GLU B 130 22.34 -6.14 54.44
CA GLU B 130 22.67 -4.74 54.39
C GLU B 130 24.16 -4.49 54.60
N THR B 131 24.66 -5.26 55.55
CA THR B 131 26.05 -5.23 55.97
C THR B 131 26.98 -5.73 54.86
N ALA B 132 27.00 -7.05 54.71
CA ALA B 132 27.84 -7.75 53.74
C ALA B 132 27.80 -7.04 52.40
N LYS B 133 26.59 -6.56 52.07
CA LYS B 133 26.34 -5.83 50.85
C LYS B 133 27.36 -4.72 50.87
N ALA B 134 27.20 -3.85 51.87
CA ALA B 134 28.12 -2.74 52.10
C ALA B 134 29.59 -3.24 52.10
N GLN B 135 29.82 -4.41 52.71
CA GLN B 135 31.17 -4.96 52.76
C GLN B 135 31.61 -5.74 51.52
N ARG B 136 30.93 -5.48 50.39
CA ARG B 136 31.25 -6.11 49.11
C ARG B 136 31.40 -7.60 49.29
N GLN B 137 30.32 -8.22 49.75
CA GLN B 137 30.33 -9.65 49.96
C GLN B 137 28.94 -10.28 49.75
N MET B 138 28.91 -11.57 49.34
CA MET B 138 27.66 -12.25 49.09
C MET B 138 27.41 -13.41 49.98
N THR B 139 26.30 -13.34 50.71
CA THR B 139 25.96 -14.44 51.60
C THR B 139 25.29 -15.53 50.80
N LYS B 140 25.06 -16.67 51.42
CA LYS B 140 24.41 -17.76 50.70
C LYS B 140 23.10 -17.27 50.14
N ASP B 141 22.35 -16.56 50.95
CA ASP B 141 21.08 -16.02 50.49
C ASP B 141 21.23 -15.18 49.20
N GLY B 142 22.06 -14.16 49.23
CA GLY B 142 22.27 -13.37 48.03
C GLY B 142 22.72 -14.28 46.88
N PHE B 143 23.36 -15.39 47.22
CA PHE B 143 23.83 -16.27 46.17
C PHE B 143 22.58 -16.87 45.52
N LEU B 144 21.69 -17.34 46.37
CA LEU B 144 20.48 -18.01 45.94
C LEU B 144 19.62 -17.09 45.20
N MET B 145 19.64 -15.84 45.64
CA MET B 145 18.86 -14.76 45.06
C MET B 145 19.25 -14.59 43.59
N TYR B 146 20.55 -14.46 43.40
CA TYR B 146 21.11 -14.24 42.09
C TYR B 146 20.64 -15.39 41.21
N LEU B 147 20.94 -16.59 41.67
CA LEU B 147 20.61 -17.81 40.94
C LEU B 147 19.16 -17.91 40.44
N LEU B 148 18.22 -17.36 41.24
CA LEU B 148 16.79 -17.34 40.92
C LEU B 148 16.43 -16.05 40.19
N SER B 149 17.36 -15.15 40.05
CA SER B 149 17.08 -13.90 39.37
C SER B 149 17.08 -13.97 37.83
N ALA B 150 16.86 -12.82 37.23
CA ALA B 150 16.90 -12.73 35.81
C ALA B 150 18.29 -13.04 35.40
N ASP B 151 19.21 -12.98 36.36
CA ASP B 151 20.60 -13.19 36.02
C ASP B 151 20.96 -14.64 36.17
N GLY B 152 20.21 -15.36 37.01
CA GLY B 152 20.53 -16.78 37.26
C GLY B 152 19.81 -17.62 36.26
N ASN B 153 18.92 -16.94 35.52
CA ASN B 153 18.09 -17.55 34.50
C ASN B 153 18.84 -18.24 33.36
N ALA B 154 18.43 -19.45 33.00
CA ALA B 154 19.07 -20.17 31.91
C ALA B 154 18.91 -19.45 30.58
N PHE B 155 17.88 -18.61 30.50
CA PHE B 155 17.62 -17.88 29.28
C PHE B 155 18.26 -16.54 29.44
N SER B 156 19.34 -16.32 28.69
CA SER B 156 20.09 -15.08 28.75
C SER B 156 19.38 -13.75 28.88
N LEU B 157 19.49 -13.16 30.05
CA LEU B 157 18.98 -11.83 30.31
C LEU B 157 19.40 -10.83 29.22
N ALA B 158 20.62 -10.95 28.72
CA ALA B 158 21.09 -10.04 27.65
C ALA B 158 20.26 -10.16 26.38
N HIS B 159 19.87 -11.37 26.05
CA HIS B 159 19.09 -11.62 24.86
C HIS B 159 17.65 -11.28 25.04
N ARG B 160 17.31 -10.80 26.22
CA ARG B 160 15.94 -10.48 26.44
C ARG B 160 15.65 -9.05 26.28
N ARG B 161 16.35 -8.45 25.34
CA ARG B 161 16.16 -7.03 24.98
C ARG B 161 16.62 -6.99 23.53
N VAL B 162 16.03 -6.12 22.71
CA VAL B 162 16.46 -6.09 21.32
C VAL B 162 17.93 -5.84 21.28
N TYR B 163 18.69 -6.76 20.74
CA TYR B 163 20.09 -6.61 20.72
C TYR B 163 20.70 -6.99 19.36
N GLN B 164 19.87 -7.24 18.35
CA GLN B 164 20.47 -7.60 17.09
C GLN B 164 20.34 -6.56 15.99
N ASP B 165 20.99 -6.83 14.87
CA ASP B 165 20.95 -5.95 13.77
C ASP B 165 19.51 -5.84 13.28
N MET B 166 18.82 -4.76 13.68
CA MET B 166 17.42 -4.48 13.26
C MET B 166 17.34 -3.69 11.94
N ASP B 167 18.40 -3.75 11.14
CA ASP B 167 18.50 -2.97 9.92
C ASP B 167 18.47 -3.64 8.58
N GLN B 168 18.47 -4.97 8.57
CA GLN B 168 18.41 -5.68 7.32
C GLN B 168 17.00 -5.72 6.83
N PRO B 169 16.84 -6.13 5.59
CA PRO B 169 15.49 -6.20 5.03
C PRO B 169 14.71 -7.26 5.78
N LEU B 170 13.38 -7.07 5.85
CA LEU B 170 12.53 -8.02 6.60
C LEU B 170 12.81 -9.45 6.26
N SER B 171 13.03 -9.75 4.99
CA SER B 171 13.27 -11.09 4.58
C SER B 171 14.38 -11.80 5.37
N HIS B 172 15.13 -11.01 6.13
CA HIS B 172 16.26 -11.54 6.87
C HIS B 172 15.96 -11.93 8.31
N TYR B 173 14.74 -11.68 8.76
CA TYR B 173 14.28 -12.01 10.09
C TYR B 173 13.20 -13.09 10.10
N LEU B 174 13.04 -13.75 11.23
CA LEU B 174 11.98 -14.70 11.43
C LEU B 174 10.92 -13.77 11.98
N VAL B 175 9.70 -13.90 11.51
CA VAL B 175 8.64 -13.03 11.98
C VAL B 175 7.55 -13.82 12.69
N SER B 176 7.23 -13.44 13.92
CA SER B 176 6.20 -14.10 14.68
C SER B 176 4.87 -13.86 13.98
N SER B 177 4.31 -14.93 13.42
CA SER B 177 3.09 -14.83 12.68
C SER B 177 2.02 -15.77 13.19
N SER B 178 0.78 -15.26 13.26
CA SER B 178 -0.38 -16.08 13.68
C SER B 178 -1.24 -16.53 12.50
N HIS B 179 -2.07 -17.55 12.66
CA HIS B 179 -2.93 -18.02 11.56
C HIS B 179 -4.39 -17.95 11.89
N ASN B 180 -5.18 -17.36 10.97
CA ASN B 180 -6.62 -17.12 11.13
C ASN B 180 -6.82 -16.60 12.53
N THR B 181 -6.01 -15.62 12.83
CA THR B 181 -5.92 -14.99 14.12
C THR B 181 -7.19 -14.74 14.86
N TYR B 182 -8.25 -14.49 14.13
CA TYR B 182 -9.51 -14.13 14.74
C TYR B 182 -10.15 -15.28 15.51
N LEU B 183 -9.71 -16.50 15.25
CA LEU B 183 -10.26 -17.63 15.98
C LEU B 183 -9.69 -17.89 17.36
N LEU B 184 -10.60 -18.11 18.30
CA LEU B 184 -10.29 -18.53 19.66
C LEU B 184 -10.28 -20.07 19.76
N GLU B 185 -10.86 -20.79 18.81
CA GLU B 185 -10.87 -22.25 18.94
C GLU B 185 -10.66 -23.04 17.68
N ASP B 186 -11.63 -23.88 17.29
CA ASP B 186 -11.43 -24.74 16.08
C ASP B 186 -11.77 -23.88 14.89
N GLN B 187 -11.55 -24.42 13.70
CA GLN B 187 -11.79 -23.68 12.48
C GLN B 187 -13.16 -23.86 11.84
N LEU B 188 -13.99 -24.71 12.42
CA LEU B 188 -15.27 -25.00 11.79
C LEU B 188 -16.40 -24.25 12.43
N THR B 189 -16.48 -24.28 13.76
CA THR B 189 -17.57 -23.62 14.42
C THR B 189 -17.19 -22.89 15.69
N GLY B 190 -15.92 -22.91 16.06
CA GLY B 190 -15.52 -22.18 17.26
C GLY B 190 -15.85 -20.70 17.04
N PRO B 191 -15.60 -19.89 18.05
CA PRO B 191 -15.90 -18.46 17.98
C PRO B 191 -14.74 -17.66 17.51
N SER B 192 -15.03 -16.43 17.11
CA SER B 192 -14.04 -15.45 16.68
C SER B 192 -14.21 -14.28 17.63
N SER B 193 -13.13 -13.51 17.84
CA SER B 193 -13.24 -12.42 18.75
C SER B 193 -12.08 -11.54 18.60
N THR B 194 -12.26 -10.29 18.96
CA THR B 194 -11.16 -9.35 18.92
C THR B 194 -10.11 -9.72 19.97
N GLU B 195 -10.57 -10.34 21.06
CA GLU B 195 -9.66 -10.82 22.11
C GLU B 195 -8.56 -11.68 21.47
N ALA B 196 -8.89 -12.47 20.45
CA ALA B 196 -7.88 -13.31 19.88
C ALA B 196 -6.80 -12.40 19.33
N TYR B 197 -7.18 -11.31 18.69
CA TYR B 197 -6.15 -10.38 18.15
C TYR B 197 -5.37 -9.69 19.28
N ILE B 198 -6.03 -9.35 20.36
CA ILE B 198 -5.28 -8.74 21.44
C ILE B 198 -4.29 -9.77 22.03
N ARG B 199 -4.79 -10.93 22.41
CA ARG B 199 -3.96 -11.96 22.96
C ARG B 199 -2.74 -12.25 22.12
N ALA B 200 -2.92 -12.45 20.85
CA ALA B 200 -1.75 -12.68 20.00
C ALA B 200 -0.82 -11.46 20.06
N LEU B 201 -1.36 -10.28 19.93
CA LEU B 201 -0.50 -9.12 19.91
C LEU B 201 0.24 -8.97 21.23
N CYS B 202 -0.42 -9.31 22.31
CA CYS B 202 0.23 -9.19 23.57
C CYS B 202 1.29 -10.27 23.72
N LYS B 203 1.13 -11.39 23.03
CA LYS B 203 2.13 -12.47 23.08
C LYS B 203 3.22 -12.17 22.02
N GLY B 204 3.23 -10.95 21.50
CA GLY B 204 4.27 -10.54 20.53
C GLY B 204 4.04 -10.71 19.04
N CYS B 205 2.95 -11.38 18.63
CA CYS B 205 2.69 -11.58 17.22
C CYS B 205 2.79 -10.34 16.34
N ARG B 206 3.49 -10.47 15.22
CA ARG B 206 3.65 -9.33 14.34
C ARG B 206 2.78 -9.40 13.09
N CYS B 207 2.65 -10.58 12.55
CA CYS B 207 1.87 -10.71 11.36
C CYS B 207 0.51 -11.32 11.68
N LEU B 208 -0.56 -10.55 11.49
CA LEU B 208 -1.96 -11.00 11.76
C LEU B 208 -2.81 -11.34 10.52
N GLU B 209 -3.82 -12.21 10.63
CA GLU B 209 -4.73 -12.58 9.52
C GLU B 209 -6.14 -12.04 9.66
N LEU B 210 -6.60 -11.36 8.62
CA LEU B 210 -7.94 -10.87 8.56
C LEU B 210 -8.61 -11.48 7.32
N ASP B 211 -9.61 -12.35 7.54
CA ASP B 211 -10.40 -13.02 6.48
C ASP B 211 -11.66 -12.21 6.35
N CYS B 212 -11.66 -11.31 5.38
CA CYS B 212 -12.77 -10.36 5.22
C CYS B 212 -13.87 -10.78 4.29
N TRP B 213 -15.09 -10.69 4.79
CA TRP B 213 -16.29 -11.07 4.06
C TRP B 213 -17.33 -9.98 4.19
N ASP B 214 -18.22 -9.91 3.21
CA ASP B 214 -19.27 -8.89 3.18
C ASP B 214 -20.19 -9.15 4.36
N GLY B 215 -20.71 -8.09 4.95
CA GLY B 215 -21.60 -8.32 6.06
C GLY B 215 -22.80 -7.41 5.99
N PRO B 216 -23.79 -7.69 6.81
CA PRO B 216 -24.99 -6.87 6.87
C PRO B 216 -24.63 -5.39 7.07
N ASN B 217 -25.62 -4.53 6.86
CA ASN B 217 -25.46 -3.11 7.06
C ASN B 217 -24.23 -2.60 6.35
N GLN B 218 -23.88 -3.34 5.29
CA GLN B 218 -22.75 -2.97 4.45
C GLN B 218 -21.51 -2.74 5.27
N GLU B 219 -21.36 -3.50 6.34
CA GLU B 219 -20.22 -3.40 7.21
C GLU B 219 -19.55 -4.74 7.04
N PRO B 220 -18.30 -4.75 6.58
CA PRO B 220 -17.55 -6.00 6.35
C PRO B 220 -17.35 -6.74 7.64
N ILE B 221 -17.23 -8.06 7.55
CA ILE B 221 -17.04 -8.85 8.74
C ILE B 221 -15.89 -9.79 8.54
N ILE B 222 -15.51 -10.42 9.63
CA ILE B 222 -14.42 -11.33 9.60
C ILE B 222 -14.86 -12.57 10.26
N TYR B 223 -14.58 -13.67 9.58
CA TYR B 223 -14.81 -14.97 10.09
C TYR B 223 -14.20 -16.01 9.13
N HIS B 224 -14.38 -17.30 9.42
CA HIS B 224 -13.78 -18.33 8.59
C HIS B 224 -14.71 -18.69 7.47
N GLY B 225 -14.31 -18.34 6.27
CA GLY B 225 -15.19 -18.48 5.12
C GLY B 225 -15.64 -19.89 4.91
N TYR B 226 -16.94 -20.07 4.73
CA TYR B 226 -17.53 -21.38 4.47
C TYR B 226 -17.65 -22.30 5.69
N THR B 227 -17.51 -21.74 6.89
CA THR B 227 -17.60 -22.57 8.07
C THR B 227 -18.63 -21.90 8.92
N PHE B 228 -18.83 -22.41 10.12
CA PHE B 228 -19.82 -21.84 11.00
C PHE B 228 -19.18 -21.02 12.11
N THR B 229 -17.87 -20.75 11.94
CA THR B 229 -17.16 -19.96 12.94
C THR B 229 -17.88 -18.63 13.10
N SER B 230 -18.02 -18.17 14.34
CA SER B 230 -18.70 -16.92 14.63
C SER B 230 -18.11 -15.75 13.87
N LYS B 231 -18.85 -14.66 13.78
CA LYS B 231 -18.38 -13.49 13.03
C LYS B 231 -18.16 -12.23 13.87
N ILE B 232 -17.26 -11.37 13.41
CA ILE B 232 -17.02 -10.12 14.15
C ILE B 232 -16.77 -9.06 13.07
N LEU B 233 -16.81 -7.79 13.46
CA LEU B 233 -16.62 -6.74 12.50
C LEU B 233 -15.21 -6.40 12.18
N PHE B 234 -14.99 -6.11 10.91
CA PHE B 234 -13.70 -5.69 10.47
C PHE B 234 -13.25 -4.43 11.24
N CYS B 235 -14.14 -3.45 11.40
CA CYS B 235 -13.75 -2.24 12.12
C CYS B 235 -13.31 -2.53 13.54
N ASP B 236 -14.13 -3.23 14.30
CA ASP B 236 -13.76 -3.57 15.66
C ASP B 236 -12.36 -4.22 15.74
N VAL B 237 -12.07 -5.14 14.83
CA VAL B 237 -10.78 -5.76 14.80
C VAL B 237 -9.75 -4.68 14.56
N LEU B 238 -10.03 -3.76 13.64
CA LEU B 238 -9.03 -2.70 13.41
C LEU B 238 -8.68 -1.90 14.67
N ARG B 239 -9.69 -1.65 15.50
CA ARG B 239 -9.45 -0.88 16.73
C ARG B 239 -8.45 -1.61 17.63
N ALA B 240 -8.81 -2.82 18.01
CA ALA B 240 -7.97 -3.70 18.83
C ALA B 240 -6.54 -3.75 18.28
N ILE B 241 -6.42 -3.92 16.98
CA ILE B 241 -5.10 -3.96 16.45
C ILE B 241 -4.49 -2.60 16.66
N ARG B 242 -5.26 -1.56 16.44
CA ARG B 242 -4.71 -0.24 16.61
C ARG B 242 -4.25 -0.05 18.02
N ASP B 243 -5.02 -0.56 18.96
CA ASP B 243 -4.66 -0.38 20.35
C ASP B 243 -3.62 -1.28 20.92
N TYR B 244 -3.34 -2.43 20.30
CA TYR B 244 -2.31 -3.34 20.84
C TYR B 244 -1.11 -3.66 20.01
N ALA B 245 -1.15 -3.20 18.79
CA ALA B 245 -0.08 -3.40 17.82
C ALA B 245 1.33 -3.29 18.40
N PHE B 246 1.51 -2.31 19.27
CA PHE B 246 2.84 -2.09 19.79
C PHE B 246 3.07 -2.24 21.28
N LYS B 247 2.08 -2.75 22.00
CA LYS B 247 2.18 -3.00 23.43
C LYS B 247 3.45 -3.81 23.66
N ALA B 248 3.65 -4.84 22.85
CA ALA B 248 4.79 -5.69 23.03
C ALA B 248 6.00 -5.37 22.20
N SER B 249 5.85 -4.55 21.19
CA SER B 249 7.02 -4.31 20.39
C SER B 249 6.74 -3.16 19.51
N PRO B 250 7.77 -2.41 19.26
CA PRO B 250 7.68 -1.24 18.40
C PRO B 250 7.83 -1.64 16.88
N TYR B 251 8.17 -2.88 16.60
CA TYR B 251 8.38 -3.22 15.22
C TYR B 251 7.12 -3.44 14.41
N PRO B 252 7.23 -3.29 13.10
CA PRO B 252 6.06 -3.38 12.24
C PRO B 252 5.14 -4.61 12.38
N VAL B 253 3.83 -4.36 12.21
CA VAL B 253 2.79 -5.39 12.23
C VAL B 253 2.24 -5.54 10.81
N ILE B 254 2.25 -6.74 10.28
CA ILE B 254 1.77 -7.01 8.94
C ILE B 254 0.34 -7.54 9.00
N LEU B 255 -0.57 -6.99 8.20
CA LEU B 255 -1.96 -7.49 8.15
C LEU B 255 -2.17 -8.22 6.88
N SER B 256 -2.48 -9.48 7.02
CA SER B 256 -2.69 -10.32 5.89
C SER B 256 -4.16 -10.25 5.64
N LEU B 257 -4.56 -9.49 4.62
CA LEU B 257 -5.94 -9.40 4.26
C LEU B 257 -6.27 -10.50 3.27
N GLU B 258 -7.39 -11.20 3.53
CA GLU B 258 -7.95 -12.24 2.65
C GLU B 258 -9.30 -11.66 2.33
N ASN B 259 -9.34 -11.03 1.17
CA ASN B 259 -10.50 -10.29 0.72
C ASN B 259 -11.54 -11.10 -0.02
N HIS B 260 -12.79 -11.01 0.41
CA HIS B 260 -13.91 -11.72 -0.22
C HIS B 260 -15.05 -10.74 -0.31
N CYS B 261 -14.70 -9.47 -0.27
CA CYS B 261 -15.68 -8.48 -0.26
C CYS B 261 -16.07 -7.93 -1.58
N SER B 262 -17.32 -7.58 -1.66
CA SER B 262 -17.84 -6.94 -2.82
C SER B 262 -17.06 -5.66 -2.88
N LEU B 263 -16.95 -5.10 -4.09
CA LEU B 263 -16.26 -3.85 -4.28
C LEU B 263 -16.74 -2.77 -3.31
N GLU B 264 -18.03 -2.67 -3.07
CA GLU B 264 -18.49 -1.67 -2.15
C GLU B 264 -17.88 -1.85 -0.78
N GLN B 265 -18.14 -2.98 -0.15
CA GLN B 265 -17.58 -3.31 1.17
C GLN B 265 -16.05 -3.20 1.15
N GLN B 266 -15.40 -3.57 0.04
CA GLN B 266 -13.96 -3.41 -0.04
C GLN B 266 -13.58 -1.95 0.21
N ARG B 267 -14.30 -1.05 -0.41
CA ARG B 267 -13.98 0.35 -0.24
C ARG B 267 -14.16 0.66 1.21
N VAL B 268 -15.26 0.19 1.80
CA VAL B 268 -15.53 0.44 3.20
C VAL B 268 -14.36 0.02 4.03
N MET B 269 -13.78 -1.11 3.66
CA MET B 269 -12.64 -1.61 4.34
C MET B 269 -11.58 -0.56 4.29
N ALA B 270 -11.20 -0.18 3.09
CA ALA B 270 -10.16 0.80 2.94
C ALA B 270 -10.48 2.07 3.70
N ARG B 271 -11.73 2.32 4.01
CA ARG B 271 -12.04 3.55 4.74
C ARG B 271 -11.65 3.34 6.16
N HIS B 272 -12.17 2.27 6.73
CA HIS B 272 -11.82 1.87 8.07
C HIS B 272 -10.30 1.84 8.31
N LEU B 273 -9.56 1.26 7.36
CA LEU B 273 -8.12 1.19 7.51
C LEU B 273 -7.57 2.58 7.75
N ARG B 274 -7.81 3.45 6.80
CA ARG B 274 -7.33 4.82 6.85
C ARG B 274 -7.91 5.52 8.04
N ALA B 275 -9.17 5.33 8.27
CA ALA B 275 -9.82 6.07 9.32
C ALA B 275 -9.26 5.67 10.65
N ILE B 276 -9.18 4.37 10.85
CA ILE B 276 -8.74 3.82 12.10
C ILE B 276 -7.22 3.69 12.29
N LEU B 277 -6.52 3.12 11.33
CA LEU B 277 -5.10 3.00 11.53
C LEU B 277 -4.47 4.39 11.51
N GLY B 278 -5.13 5.31 10.82
CA GLY B 278 -4.60 6.66 10.66
C GLY B 278 -3.18 6.62 10.15
N PRO B 279 -2.32 7.35 10.85
CA PRO B 279 -0.90 7.45 10.51
C PRO B 279 -0.06 6.19 10.71
N ILE B 280 -0.53 5.25 11.52
CA ILE B 280 0.25 4.01 11.66
C ILE B 280 0.33 3.24 10.34
N LEU B 281 -0.75 3.36 9.56
CA LEU B 281 -0.86 2.67 8.30
C LEU B 281 0.19 3.12 7.38
N LEU B 282 0.90 2.20 6.77
CA LEU B 282 1.89 2.55 5.80
C LEU B 282 1.16 2.40 4.49
N ASP B 283 0.93 3.52 3.80
CA ASP B 283 0.22 3.55 2.51
C ASP B 283 1.09 4.06 1.41
N GLN B 284 2.38 4.14 1.67
CA GLN B 284 3.23 4.70 0.65
C GLN B 284 4.70 4.47 0.89
N PRO B 285 5.29 3.87 -0.12
CA PRO B 285 6.69 3.53 -0.19
C PRO B 285 7.67 4.40 0.57
N LEU B 286 8.50 3.72 1.34
CA LEU B 286 9.47 4.38 2.18
C LEU B 286 10.55 5.02 1.33
N ASP B 287 11.04 6.15 1.78
CA ASP B 287 12.07 6.78 1.04
C ASP B 287 13.35 6.07 1.38
N GLY B 288 14.09 5.66 0.36
CA GLY B 288 15.36 4.98 0.57
C GLY B 288 15.31 3.57 0.10
N VAL B 289 14.19 2.93 0.36
CA VAL B 289 13.99 1.51 0.04
C VAL B 289 13.75 1.29 -1.44
N THR B 290 14.69 0.67 -2.17
CA THR B 290 14.38 0.42 -3.59
C THR B 290 14.77 -0.90 -4.17
N THR B 291 15.82 -1.48 -3.64
CA THR B 291 16.29 -2.69 -4.24
C THR B 291 15.94 -3.91 -3.39
N SER B 292 15.40 -3.64 -2.20
CA SER B 292 15.08 -4.68 -1.21
C SER B 292 13.99 -4.26 -0.24
N LEU B 293 13.67 -5.14 0.70
CA LEU B 293 12.62 -4.84 1.65
C LEU B 293 13.04 -3.89 2.77
N PRO B 294 12.09 -3.22 3.36
CA PRO B 294 12.45 -2.34 4.42
C PRO B 294 12.95 -3.25 5.55
N SER B 295 13.64 -2.65 6.52
CA SER B 295 14.14 -3.33 7.67
C SER B 295 13.11 -3.04 8.71
N PRO B 296 13.12 -3.83 9.77
CA PRO B 296 12.20 -3.65 10.86
C PRO B 296 12.38 -2.26 11.39
N GLU B 297 13.60 -1.74 11.34
CA GLU B 297 13.84 -0.37 11.80
C GLU B 297 13.11 0.70 10.97
N GLN B 298 13.25 0.61 9.65
CA GLN B 298 12.60 1.53 8.73
C GLN B 298 11.10 1.55 8.89
N LEU B 299 10.54 0.36 9.12
CA LEU B 299 9.10 0.22 9.30
C LEU B 299 8.58 0.39 10.75
N LYS B 300 9.48 0.68 11.68
CA LYS B 300 9.13 0.80 13.08
C LYS B 300 7.95 1.67 13.33
N GLY B 301 6.98 1.17 14.06
CA GLY B 301 5.77 1.92 14.37
C GLY B 301 4.69 1.86 13.30
N LYS B 302 4.99 1.30 12.14
CA LYS B 302 4.03 1.20 11.05
C LYS B 302 3.30 -0.11 11.11
N ILE B 303 2.22 -0.15 10.33
CA ILE B 303 1.47 -1.37 10.13
C ILE B 303 1.36 -1.53 8.63
N LEU B 304 1.85 -2.63 8.05
CA LEU B 304 1.71 -2.77 6.61
C LEU B 304 0.74 -3.83 6.21
N LEU B 305 0.20 -3.68 4.99
CA LEU B 305 -0.78 -4.57 4.45
C LEU B 305 -0.21 -5.56 3.53
N LYS B 306 -0.81 -6.74 3.55
CA LYS B 306 -0.44 -7.83 2.68
C LYS B 306 -1.73 -8.24 1.98
N GLY B 307 -1.67 -8.34 0.65
CA GLY B 307 -2.83 -8.72 -0.12
C GLY B 307 -2.54 -8.77 -1.62
N LYS B 308 -3.61 -8.92 -2.38
CA LYS B 308 -3.53 -8.98 -3.84
C LYS B 308 -3.44 -7.56 -4.26
N LYS B 309 -2.74 -7.34 -5.34
CA LYS B 309 -2.55 -6.00 -5.85
C LYS B 309 -3.05 -6.03 -7.29
N LEU B 310 -3.72 -4.97 -7.74
CA LEU B 310 -4.15 -4.92 -9.14
C LEU B 310 -2.87 -5.00 -9.95
N GLY B 311 -2.92 -5.82 -10.99
CA GLY B 311 -1.76 -6.06 -11.84
C GLY B 311 -1.08 -4.84 -12.40
N GLY B 312 0.21 -4.98 -12.64
CA GLY B 312 1.02 -3.90 -13.23
C GLY B 312 1.39 -4.33 -14.64
N LEU B 313 2.58 -3.98 -15.09
CA LEU B 313 3.01 -4.37 -16.42
C LEU B 313 2.91 -5.86 -16.68
N ASP B 352 -9.36 -8.20 -13.02
CA ASP B 352 -8.88 -7.61 -11.78
C ASP B 352 -9.74 -6.43 -11.31
N LYS B 353 -9.75 -5.36 -12.11
CA LYS B 353 -10.49 -4.11 -11.84
C LYS B 353 -11.93 -4.29 -11.34
N LEU B 354 -12.58 -5.28 -11.92
CA LEU B 354 -13.95 -5.64 -11.61
C LEU B 354 -13.94 -6.55 -10.38
N LYS B 355 -12.79 -6.63 -9.74
CA LYS B 355 -12.65 -7.51 -8.60
C LYS B 355 -12.07 -6.82 -7.39
N LEU B 356 -11.16 -5.91 -7.65
CA LEU B 356 -10.40 -5.28 -6.59
C LEU B 356 -10.40 -3.79 -6.72
N VAL B 357 -10.85 -3.11 -5.68
CA VAL B 357 -10.89 -1.68 -5.70
C VAL B 357 -9.48 -1.08 -5.47
N PRO B 358 -9.17 0.01 -6.15
CA PRO B 358 -7.87 0.66 -6.05
C PRO B 358 -7.63 1.14 -4.66
N GLU B 359 -8.69 1.59 -4.00
CA GLU B 359 -8.58 2.08 -2.64
C GLU B 359 -7.79 1.13 -1.77
N LEU B 360 -8.11 -0.14 -1.84
CA LEU B 360 -7.40 -1.16 -1.11
C LEU B 360 -6.12 -1.49 -1.77
N SER B 361 -6.20 -1.88 -3.03
CA SER B 361 -5.02 -2.31 -3.73
C SER B 361 -3.88 -1.35 -3.66
N ASP B 362 -4.22 -0.08 -3.58
CA ASP B 362 -3.21 0.97 -3.53
C ASP B 362 -2.49 1.07 -2.18
N MET B 363 -2.90 0.30 -1.19
CA MET B 363 -2.30 0.32 0.13
C MET B 363 -1.31 -0.83 0.29
N ILE B 364 -1.30 -1.76 -0.66
CA ILE B 364 -0.40 -2.90 -0.57
C ILE B 364 0.87 -2.42 -1.13
N ILE B 365 1.87 -2.18 -0.29
CA ILE B 365 3.16 -1.71 -0.78
C ILE B 365 4.23 -2.78 -0.93
N TYR B 366 4.69 -3.37 0.18
CA TYR B 366 5.77 -4.35 0.16
C TYR B 366 5.41 -5.79 0.23
N CYS B 367 4.13 -6.06 0.38
CA CYS B 367 3.59 -7.42 0.51
C CYS B 367 2.46 -7.78 -0.47
N LYS B 368 2.82 -8.04 -1.72
CA LYS B 368 1.81 -8.38 -2.68
C LYS B 368 1.66 -9.89 -2.65
N SER B 369 0.43 -10.40 -2.41
CA SER B 369 0.21 -11.83 -2.44
C SER B 369 0.43 -12.33 -3.85
N VAL B 370 1.06 -13.48 -3.98
CA VAL B 370 1.38 -13.96 -5.26
C VAL B 370 1.31 -15.44 -5.23
N HIS B 371 1.07 -16.06 -6.37
CA HIS B 371 1.06 -17.51 -6.39
C HIS B 371 2.50 -17.94 -6.53
N PHE B 372 2.89 -19.02 -5.87
CA PHE B 372 4.27 -19.45 -5.97
C PHE B 372 4.65 -19.66 -7.39
N GLY B 373 5.64 -18.90 -7.83
CA GLY B 373 6.16 -18.99 -9.18
C GLY B 373 7.09 -20.18 -9.28
N GLY B 374 8.26 -20.01 -8.67
CA GLY B 374 9.25 -21.06 -8.62
C GLY B 374 10.51 -20.48 -8.07
N PHE B 375 11.50 -21.36 -7.94
CA PHE B 375 12.81 -20.96 -7.46
C PHE B 375 13.65 -20.51 -8.68
N SER B 376 14.06 -19.24 -8.65
CA SER B 376 14.77 -18.56 -9.75
C SER B 376 16.30 -18.46 -9.85
N SER B 377 17.04 -19.46 -9.33
CA SER B 377 18.49 -19.51 -9.57
C SER B 377 18.55 -19.63 -11.12
N PRO B 378 17.66 -20.49 -11.68
CA PRO B 378 17.48 -20.66 -13.13
C PRO B 378 17.75 -19.42 -14.00
N GLY B 379 17.23 -18.29 -13.57
CA GLY B 379 17.44 -17.06 -14.28
C GLY B 379 18.03 -16.09 -13.29
N THR B 380 17.27 -15.05 -13.01
CA THR B 380 17.65 -14.02 -12.07
C THR B 380 16.35 -13.30 -11.77
N SER B 381 15.31 -13.69 -12.51
CA SER B 381 14.00 -13.08 -12.38
C SER B 381 12.90 -13.96 -11.81
N GLY B 382 12.69 -13.90 -10.50
CA GLY B 382 11.59 -14.65 -9.87
C GLY B 382 10.56 -13.68 -9.18
N GLN B 383 10.31 -13.93 -7.88
CA GLN B 383 9.41 -13.06 -7.15
C GLN B 383 10.12 -11.76 -6.79
N ALA B 384 9.40 -10.68 -6.85
CA ALA B 384 10.02 -9.46 -6.51
C ALA B 384 10.14 -9.52 -5.00
N PHE B 385 11.14 -8.83 -4.49
CA PHE B 385 11.33 -8.72 -3.08
C PHE B 385 10.02 -8.23 -2.46
N TYR B 386 9.20 -7.57 -3.24
CA TYR B 386 7.98 -7.07 -2.65
C TYR B 386 6.84 -8.02 -2.93
N GLU B 387 7.14 -9.19 -3.44
CA GLU B 387 6.08 -10.18 -3.62
C GLU B 387 6.20 -11.33 -2.62
N MET B 388 5.07 -11.76 -2.07
CA MET B 388 5.06 -12.86 -1.08
C MET B 388 4.18 -14.06 -1.45
N ALA B 389 4.76 -15.25 -1.37
CA ALA B 389 4.01 -16.47 -1.65
C ALA B 389 3.67 -17.19 -0.34
N SER B 390 2.53 -17.86 -0.31
CA SER B 390 2.18 -18.63 0.86
C SER B 390 2.23 -20.07 0.47
N PHE B 391 2.46 -20.94 1.42
CA PHE B 391 2.52 -22.36 1.14
C PHE B 391 1.97 -22.99 2.34
N SER B 392 1.17 -23.99 2.12
CA SER B 392 0.65 -24.77 3.21
C SER B 392 1.81 -25.68 3.67
N GLU B 393 1.70 -26.12 4.92
CA GLU B 393 2.57 -27.07 5.55
C GLU B 393 3.10 -28.16 4.59
N SER B 394 2.18 -28.87 4.01
CA SER B 394 2.44 -29.95 3.10
C SER B 394 3.30 -29.56 1.94
N ARG B 395 2.87 -28.51 1.22
CA ARG B 395 3.62 -28.09 0.03
C ARG B 395 5.02 -27.68 0.38
N ALA B 396 5.07 -26.87 1.42
CA ALA B 396 6.28 -26.39 1.96
C ALA B 396 7.19 -27.57 2.19
N LEU B 397 6.69 -28.61 2.85
CA LEU B 397 7.53 -29.75 3.11
C LEU B 397 8.02 -30.33 1.84
N ARG B 398 7.12 -30.41 0.89
CA ARG B 398 7.49 -30.99 -0.36
C ARG B 398 8.65 -30.26 -0.96
N LEU B 399 8.52 -28.93 -1.00
CA LEU B 399 9.56 -28.10 -1.57
C LEU B 399 10.82 -28.19 -0.80
N LEU B 400 10.70 -28.36 0.51
CA LEU B 400 11.90 -28.44 1.35
C LEU B 400 12.58 -29.75 1.10
N GLN B 401 11.77 -30.73 0.78
CA GLN B 401 12.22 -32.06 0.52
C GLN B 401 12.89 -32.09 -0.82
N GLU B 402 12.34 -31.39 -1.81
CA GLU B 402 12.95 -31.42 -3.12
C GLU B 402 13.85 -30.26 -3.46
N SER B 403 13.55 -29.08 -2.97
CA SER B 403 14.36 -27.92 -3.33
C SER B 403 14.77 -27.12 -2.16
N GLY B 404 15.37 -27.80 -1.20
CA GLY B 404 15.82 -27.18 0.04
C GLY B 404 16.60 -25.93 -0.28
N ASN B 405 17.72 -26.13 -0.96
CA ASN B 405 18.54 -24.99 -1.30
C ASN B 405 17.79 -23.92 -2.07
N GLY B 406 16.87 -24.35 -2.93
CA GLY B 406 16.06 -23.44 -3.69
C GLY B 406 15.36 -22.52 -2.72
N PHE B 407 14.53 -23.11 -1.89
CA PHE B 407 13.76 -22.34 -0.94
C PHE B 407 14.59 -21.42 -0.09
N VAL B 408 15.72 -21.93 0.38
CA VAL B 408 16.56 -21.15 1.27
C VAL B 408 16.96 -19.91 0.58
N ARG B 409 17.63 -20.10 -0.54
CA ARG B 409 18.13 -18.98 -1.34
C ARG B 409 16.97 -18.07 -1.70
N HIS B 410 15.83 -18.67 -2.02
CA HIS B 410 14.66 -17.89 -2.33
C HIS B 410 14.40 -16.99 -1.14
N ASN B 411 14.28 -17.60 0.03
CA ASN B 411 13.93 -16.90 1.28
C ASN B 411 14.92 -15.85 1.74
N VAL B 412 16.05 -15.78 1.05
CA VAL B 412 17.05 -14.82 1.43
C VAL B 412 16.60 -13.41 1.19
N SER B 413 15.81 -13.20 0.16
CA SER B 413 15.37 -11.86 -0.21
C SER B 413 13.90 -11.76 -0.32
N CYS B 414 13.24 -12.89 -0.14
CA CYS B 414 11.81 -12.91 -0.21
C CYS B 414 11.18 -13.45 1.04
N LEU B 415 10.00 -12.92 1.37
CA LEU B 415 9.22 -13.41 2.50
C LEU B 415 8.28 -14.52 2.03
N SER B 416 8.32 -15.67 2.68
CA SER B 416 7.37 -16.74 2.39
C SER B 416 6.47 -16.87 3.59
N ARG B 417 5.25 -17.27 3.36
CA ARG B 417 4.35 -17.48 4.44
C ARG B 417 3.94 -18.94 4.41
N ILE B 418 3.98 -19.62 5.55
CA ILE B 418 3.58 -21.02 5.61
C ILE B 418 2.35 -21.05 6.51
N TYR B 419 1.44 -21.98 6.25
CA TYR B 419 0.25 -22.08 7.07
C TYR B 419 -0.18 -23.51 7.27
N PRO B 420 -0.86 -23.72 8.38
CA PRO B 420 -1.26 -25.06 8.76
C PRO B 420 -2.07 -25.81 7.75
N ALA B 421 -1.79 -27.10 7.64
CA ALA B 421 -2.52 -27.93 6.71
C ALA B 421 -4.02 -27.91 6.98
N GLY B 422 -4.78 -28.14 5.91
CA GLY B 422 -6.25 -28.10 5.89
C GLY B 422 -6.93 -28.89 6.92
N TRP B 423 -6.48 -30.13 7.06
CA TRP B 423 -7.05 -31.04 8.01
C TRP B 423 -6.92 -30.65 9.42
N ARG B 424 -6.11 -29.65 9.71
CA ARG B 424 -5.99 -29.22 11.10
C ARG B 424 -7.13 -28.40 11.59
N THR B 425 -8.36 -28.91 11.40
CA THR B 425 -9.61 -28.21 11.80
C THR B 425 -9.75 -27.98 13.27
N ASP B 426 -8.85 -28.57 14.04
CA ASP B 426 -8.82 -28.40 15.48
C ASP B 426 -7.82 -27.35 15.84
N SER B 427 -7.33 -26.56 14.87
CA SER B 427 -6.37 -25.52 15.19
C SER B 427 -5.08 -26.12 15.77
N SER B 428 -4.85 -27.37 15.46
CA SER B 428 -3.65 -27.95 15.91
C SER B 428 -2.61 -27.21 15.08
N ASN B 429 -1.33 -27.24 15.54
CA ASN B 429 -0.17 -26.61 14.89
C ASN B 429 0.91 -27.64 14.45
N TYR B 430 1.75 -27.23 13.52
CA TYR B 430 2.80 -28.09 13.01
C TYR B 430 4.12 -27.53 13.59
N SER B 431 5.22 -28.21 13.38
CA SER B 431 6.45 -27.70 13.96
C SER B 431 6.98 -26.64 13.07
N PRO B 432 7.28 -25.50 13.62
CA PRO B 432 7.81 -24.36 12.86
C PRO B 432 9.25 -24.55 12.48
N VAL B 433 9.98 -25.21 13.38
CA VAL B 433 11.39 -25.47 13.20
C VAL B 433 11.66 -25.97 11.85
N GLU B 434 10.85 -26.88 11.38
CA GLU B 434 11.15 -27.31 10.07
C GLU B 434 11.09 -26.36 8.96
N MET B 435 10.25 -25.35 9.11
CA MET B 435 10.18 -24.32 8.12
C MET B 435 11.29 -23.32 8.34
N TRP B 436 11.52 -22.95 9.61
CA TRP B 436 12.56 -22.01 9.92
C TRP B 436 13.83 -22.56 9.37
N ASN B 437 13.97 -23.86 9.31
CA ASN B 437 15.22 -24.43 8.77
C ASN B 437 15.41 -24.19 7.30
N GLY B 438 14.35 -23.73 6.66
CA GLY B 438 14.42 -23.51 5.23
C GLY B 438 14.42 -22.02 4.99
N GLY B 439 14.59 -21.26 6.05
CA GLY B 439 14.59 -19.85 5.87
C GLY B 439 13.21 -19.28 5.81
N CYS B 440 12.16 -20.05 6.04
CA CYS B 440 10.83 -19.46 5.98
C CYS B 440 10.57 -18.51 7.12
N GLN B 441 10.14 -17.31 6.80
CA GLN B 441 9.95 -16.34 7.83
C GLN B 441 8.60 -16.06 8.41
N ILE B 442 7.55 -16.12 7.62
CA ILE B 442 6.22 -15.87 8.18
C ILE B 442 5.52 -17.24 8.41
N VAL B 443 6.01 -17.97 9.42
CA VAL B 443 5.54 -19.31 9.74
C VAL B 443 4.36 -19.18 10.65
N ALA B 444 3.16 -19.25 10.06
CA ALA B 444 1.90 -19.03 10.75
C ALA B 444 1.42 -20.18 11.55
N LEU B 445 1.05 -19.89 12.80
CA LEU B 445 0.59 -20.92 13.70
C LEU B 445 -0.68 -20.50 14.34
N ASN B 446 -1.42 -21.48 14.87
CA ASN B 446 -2.66 -21.17 15.55
C ASN B 446 -2.31 -20.77 16.99
N PHE B 447 -2.16 -19.47 17.20
CA PHE B 447 -1.72 -18.96 18.48
C PHE B 447 -2.61 -19.31 19.63
N GLN B 448 -3.69 -19.98 19.34
CA GLN B 448 -4.64 -20.19 20.42
C GLN B 448 -4.45 -21.57 20.94
N THR B 449 -3.60 -22.32 20.29
CA THR B 449 -3.44 -23.70 20.65
C THR B 449 -2.17 -24.14 21.41
N PRO B 450 -2.35 -24.38 22.72
CA PRO B 450 -1.26 -24.81 23.57
C PRO B 450 -0.72 -26.06 23.01
N GLY B 451 0.60 -26.18 23.05
CA GLY B 451 1.30 -27.36 22.63
C GLY B 451 2.76 -27.05 22.47
N PRO B 452 3.51 -28.10 22.36
CA PRO B 452 4.91 -27.98 22.10
C PRO B 452 5.24 -27.02 20.94
N GLU B 453 4.37 -26.97 19.93
CA GLU B 453 4.60 -26.15 18.75
C GLU B 453 4.58 -24.72 19.11
N MET B 454 3.63 -24.31 19.91
CA MET B 454 3.64 -22.92 20.31
C MET B 454 4.76 -22.69 21.33
N ASP B 455 5.09 -23.76 22.05
CA ASP B 455 6.11 -23.67 23.07
C ASP B 455 7.43 -23.34 22.37
N VAL B 456 7.77 -24.10 21.35
CA VAL B 456 8.95 -23.77 20.65
C VAL B 456 8.87 -22.36 20.01
N TYR B 457 7.71 -22.02 19.45
CA TYR B 457 7.54 -20.76 18.74
C TYR B 457 7.78 -19.59 19.63
N LEU B 458 7.08 -19.57 20.72
CA LEU B 458 7.25 -18.42 21.58
C LEU B 458 8.61 -18.46 22.26
N GLY B 459 9.23 -19.63 22.29
CA GLY B 459 10.52 -19.72 22.93
C GLY B 459 11.43 -18.93 22.05
N CYS B 460 11.40 -19.30 20.76
CA CYS B 460 12.17 -18.62 19.75
C CYS B 460 11.95 -17.16 19.82
N PHE B 461 10.72 -16.74 19.88
CA PHE B 461 10.53 -15.34 19.85
C PHE B 461 10.74 -14.63 21.09
N GLN B 462 11.13 -15.32 22.14
CA GLN B 462 11.38 -14.60 23.40
C GLN B 462 12.71 -13.88 23.20
N ASP B 463 13.53 -14.47 22.34
CA ASP B 463 14.81 -13.92 21.95
C ASP B 463 14.62 -12.49 21.48
N ASN B 464 15.72 -11.77 21.39
CA ASN B 464 15.67 -10.42 20.89
C ASN B 464 14.64 -9.57 21.53
N GLY B 465 14.46 -9.79 22.82
CA GLY B 465 13.58 -8.96 23.59
C GLY B 465 12.16 -9.13 23.15
N GLY B 466 11.91 -10.25 22.46
CA GLY B 466 10.55 -10.56 21.99
C GLY B 466 9.94 -9.42 21.22
N CYS B 467 10.73 -8.78 20.37
CA CYS B 467 10.25 -7.66 19.58
C CYS B 467 9.43 -8.21 18.44
N GLY B 468 9.62 -9.51 18.16
CA GLY B 468 8.86 -10.17 17.08
C GLY B 468 9.71 -10.50 15.84
N TYR B 469 10.90 -9.91 15.74
CA TYR B 469 11.75 -10.18 14.60
C TYR B 469 13.01 -10.75 15.13
N VAL B 470 13.48 -11.81 14.51
CA VAL B 470 14.68 -12.43 14.98
C VAL B 470 15.56 -12.69 13.79
N LEU B 471 16.77 -12.17 13.84
CA LEU B 471 17.72 -12.25 12.73
C LEU B 471 18.08 -13.66 12.38
N LYS B 472 17.95 -14.03 11.11
CA LYS B 472 18.29 -15.36 10.71
C LYS B 472 19.79 -15.50 10.80
N PRO B 473 20.29 -16.72 10.91
CA PRO B 473 21.72 -16.96 10.90
C PRO B 473 22.22 -16.49 9.57
N ALA B 474 23.49 -16.18 9.50
CA ALA B 474 24.06 -15.68 8.29
C ALA B 474 23.92 -16.60 7.11
N PHE B 475 24.26 -17.88 7.26
CA PHE B 475 24.16 -18.72 6.08
C PHE B 475 22.77 -18.75 5.51
N LEU B 476 21.79 -18.21 6.22
CA LEU B 476 20.43 -18.22 5.68
C LEU B 476 20.10 -16.85 5.13
N ARG B 477 21.10 -15.99 5.19
CA ARG B 477 21.01 -14.64 4.67
C ARG B 477 22.01 -14.46 3.50
N ASP B 478 22.55 -15.56 3.01
CA ASP B 478 23.49 -15.50 1.91
C ASP B 478 22.90 -16.09 0.69
N PRO B 479 22.49 -15.21 -0.22
CA PRO B 479 21.91 -15.54 -1.49
C PRO B 479 22.64 -16.62 -2.21
N ASN B 480 23.84 -16.89 -1.78
CA ASN B 480 24.63 -17.89 -2.40
C ASN B 480 24.92 -19.06 -1.51
N THR B 481 24.14 -19.24 -0.46
CA THR B 481 24.43 -20.37 0.42
C THR B 481 24.30 -21.67 -0.30
N THR B 482 25.05 -22.66 0.11
CA THR B 482 24.82 -23.99 -0.47
C THR B 482 24.05 -24.78 0.57
N PHE B 483 23.71 -24.13 1.69
CA PHE B 483 23.00 -24.79 2.79
C PHE B 483 21.71 -25.56 2.41
N ASN B 484 21.42 -26.63 3.15
CA ASN B 484 20.18 -27.43 2.99
C ASN B 484 20.18 -28.33 4.16
N SER B 485 19.41 -27.91 5.16
CA SER B 485 19.29 -28.61 6.40
C SER B 485 19.08 -30.07 6.21
N ARG B 486 18.60 -30.50 5.04
CA ARG B 486 18.40 -31.93 4.84
C ARG B 486 19.50 -32.67 4.09
N ALA B 487 20.47 -31.93 3.56
CA ALA B 487 21.57 -32.55 2.86
C ALA B 487 22.75 -31.79 3.38
N LEU B 488 23.07 -32.05 4.64
CA LEU B 488 24.15 -31.30 5.26
C LEU B 488 25.55 -31.57 4.68
N THR B 489 26.28 -30.52 4.37
CA THR B 489 27.64 -30.62 3.82
C THR B 489 28.42 -29.71 4.72
N GLN B 490 29.73 -29.60 4.50
CA GLN B 490 30.48 -28.68 5.33
C GLN B 490 30.18 -27.24 4.94
N GLY B 491 30.09 -26.37 5.93
CA GLY B 491 29.78 -24.98 5.67
C GLY B 491 29.94 -24.34 6.99
N PRO B 492 29.71 -23.04 7.01
CA PRO B 492 29.78 -22.24 8.26
C PRO B 492 28.71 -22.70 9.26
N TRP B 493 27.60 -23.22 8.75
CA TRP B 493 26.51 -23.69 9.59
C TRP B 493 26.91 -24.91 10.40
N TRP B 494 27.80 -25.71 9.85
CA TRP B 494 28.32 -26.91 10.50
C TRP B 494 29.36 -26.55 11.55
N ARG B 495 28.93 -26.59 12.81
CA ARG B 495 29.77 -26.28 13.95
C ARG B 495 29.32 -27.05 15.19
N PRO B 496 29.60 -28.33 15.20
CA PRO B 496 29.17 -29.20 16.32
C PRO B 496 29.57 -28.74 17.71
N GLU B 497 28.68 -28.90 18.64
CA GLU B 497 28.98 -28.57 20.00
C GLU B 497 28.47 -29.72 20.80
N ARG B 498 28.93 -29.82 22.05
CA ARG B 498 28.51 -30.86 22.94
C ARG B 498 27.71 -30.17 23.99
N LEU B 499 26.48 -30.59 24.20
CA LEU B 499 25.71 -29.95 25.24
C LEU B 499 25.53 -30.91 26.38
N ARG B 500 25.67 -30.41 27.60
CA ARG B 500 25.43 -31.27 28.74
C ARG B 500 24.51 -30.53 29.58
N VAL B 501 23.42 -31.22 29.92
CA VAL B 501 22.43 -30.62 30.79
C VAL B 501 22.24 -31.54 31.98
N ARG B 502 22.30 -30.98 33.18
CA ARG B 502 22.10 -31.80 34.36
C ARG B 502 20.88 -31.31 35.05
N ILE B 503 19.93 -32.21 35.11
CA ILE B 503 18.69 -31.82 35.70
C ILE B 503 18.95 -32.10 37.13
N ILE B 504 19.01 -31.06 37.93
CA ILE B 504 19.39 -31.32 39.31
C ILE B 504 18.20 -31.48 40.20
N SER B 505 17.41 -30.42 40.28
CA SER B 505 16.29 -30.51 41.13
C SER B 505 15.18 -29.60 40.61
N GLY B 506 13.97 -29.79 41.13
CA GLY B 506 12.84 -28.96 40.77
C GLY B 506 12.40 -28.23 42.02
N GLN B 507 11.83 -27.04 41.85
CA GLN B 507 11.39 -26.22 42.95
C GLN B 507 9.96 -25.78 42.74
N GLN B 508 9.09 -26.13 43.66
CA GLN B 508 7.68 -25.72 43.60
C GLN B 508 6.94 -25.94 42.30
N LEU B 509 7.10 -27.12 41.72
CA LEU B 509 6.36 -27.48 40.53
C LEU B 509 4.89 -27.35 40.92
N PRO B 510 4.15 -26.54 40.16
CA PRO B 510 2.71 -26.34 40.35
C PRO B 510 1.90 -27.64 40.19
N LYS B 511 0.88 -27.85 41.01
CA LYS B 511 0.02 -29.05 40.87
C LYS B 511 -1.11 -28.65 39.88
N VAL B 512 -1.18 -29.31 38.71
CA VAL B 512 -2.20 -28.99 37.68
C VAL B 512 -3.54 -29.67 38.01
N ASN B 513 -3.53 -31.00 37.87
CA ASN B 513 -4.60 -31.95 38.22
C ASN B 513 -6.08 -31.60 38.52
N LYS B 514 -6.95 -32.48 37.98
CA LYS B 514 -8.40 -32.51 38.19
C LYS B 514 -8.58 -33.22 39.57
N ASN B 515 -7.46 -33.27 40.31
CA ASN B 515 -7.33 -33.86 41.63
C ASN B 515 -7.02 -35.38 41.56
N LYS B 516 -7.60 -36.17 42.46
CA LYS B 516 -7.32 -37.60 42.53
C LYS B 516 -5.84 -37.72 42.92
N ASN B 517 -5.57 -37.92 44.21
CA ASN B 517 -4.23 -37.96 44.81
C ASN B 517 -3.43 -36.82 44.20
N SER B 518 -3.54 -35.66 44.82
CA SER B 518 -2.98 -34.41 44.32
C SER B 518 -1.50 -34.07 44.54
N ILE B 519 -0.63 -35.08 44.52
CA ILE B 519 0.78 -34.76 44.66
C ILE B 519 1.53 -35.20 43.44
N VAL B 520 1.99 -34.20 42.68
CA VAL B 520 2.70 -34.44 41.42
C VAL B 520 3.71 -35.52 41.48
N ASP B 521 3.95 -36.19 40.38
CA ASP B 521 4.95 -37.24 40.42
C ASP B 521 5.82 -36.98 39.22
N PRO B 522 6.68 -35.96 39.34
CA PRO B 522 7.47 -35.44 38.25
C PRO B 522 8.59 -36.16 37.57
N LYS B 523 8.68 -35.91 36.27
CA LYS B 523 9.75 -36.38 35.43
C LYS B 523 10.06 -35.20 34.50
N VAL B 524 11.26 -35.20 33.91
CA VAL B 524 11.67 -34.12 33.07
C VAL B 524 12.14 -34.58 31.74
N ILE B 525 11.69 -33.90 30.73
CA ILE B 525 12.11 -34.29 29.40
C ILE B 525 12.96 -33.15 28.86
N VAL B 526 14.01 -33.50 28.17
CA VAL B 526 14.84 -32.48 27.64
C VAL B 526 14.88 -32.79 26.18
N GLU B 527 14.55 -31.78 25.38
CA GLU B 527 14.57 -31.97 23.94
C GLU B 527 15.36 -30.94 23.18
N ILE B 528 15.96 -31.44 22.09
CA ILE B 528 16.73 -30.67 21.19
C ILE B 528 15.96 -30.62 19.89
N HIS B 529 15.67 -29.39 19.51
CA HIS B 529 14.95 -29.10 18.30
C HIS B 529 15.88 -28.31 17.39
N GLY B 530 16.01 -28.77 16.14
CA GLY B 530 16.86 -28.10 15.15
C GLY B 530 16.83 -28.89 13.89
N VAL B 531 17.91 -28.94 13.16
CA VAL B 531 17.95 -29.72 11.94
C VAL B 531 17.66 -31.16 12.34
N GLY B 532 17.18 -31.98 11.41
CA GLY B 532 16.76 -33.34 11.74
C GLY B 532 17.79 -34.16 12.48
N ARG B 533 19.02 -34.03 12.02
CA ARG B 533 20.14 -34.76 12.54
C ARG B 533 20.37 -34.44 13.98
N ASP B 534 19.95 -33.26 14.39
CA ASP B 534 20.22 -32.87 15.72
C ASP B 534 19.07 -33.10 16.59
N THR B 535 17.96 -33.58 16.08
CA THR B 535 16.82 -33.66 17.00
C THR B 535 16.95 -34.82 17.94
N GLY B 536 16.73 -34.56 19.22
CA GLY B 536 16.91 -35.56 20.26
C GLY B 536 15.96 -35.20 21.42
N SER B 537 15.70 -36.19 22.29
CA SER B 537 14.85 -36.02 23.49
C SER B 537 15.35 -37.06 24.48
N ARG B 538 15.32 -36.70 25.79
CA ARG B 538 15.69 -37.64 26.82
C ARG B 538 14.89 -37.31 27.99
N GLN B 539 14.61 -38.34 28.77
CA GLN B 539 13.83 -38.12 29.99
C GLN B 539 14.40 -38.76 31.25
N THR B 540 14.11 -38.10 32.37
CA THR B 540 14.59 -38.51 33.64
C THR B 540 13.60 -39.50 34.22
N ALA B 541 13.86 -39.88 35.45
CA ALA B 541 12.99 -40.79 36.10
C ALA B 541 11.95 -39.95 36.74
N VAL B 542 10.98 -40.63 37.33
CA VAL B 542 9.91 -39.94 38.01
C VAL B 542 10.21 -40.01 39.45
N ILE B 543 10.00 -38.92 40.12
CA ILE B 543 10.17 -38.84 41.52
C ILE B 543 8.73 -38.93 41.90
N THR B 544 8.38 -39.91 42.71
CA THR B 544 6.99 -40.01 43.07
C THR B 544 6.64 -39.12 44.25
N ASN B 545 5.44 -38.60 44.21
CA ASN B 545 4.95 -37.77 45.28
C ASN B 545 5.76 -36.55 45.75
N ASN B 546 6.36 -35.81 44.85
CA ASN B 546 7.07 -34.59 45.25
C ASN B 546 7.09 -33.54 44.14
N GLY B 547 6.56 -32.37 44.45
CA GLY B 547 6.57 -31.32 43.49
C GLY B 547 7.26 -30.17 44.15
N PHE B 548 7.38 -30.24 45.43
CA PHE B 548 7.98 -29.14 46.14
C PHE B 548 9.45 -28.98 45.88
N ASN B 549 10.13 -30.13 45.86
CA ASN B 549 11.57 -30.11 45.76
C ASN B 549 12.09 -31.46 45.34
N PRO B 550 11.57 -31.94 44.23
CA PRO B 550 12.03 -33.22 43.71
C PRO B 550 13.48 -32.96 43.33
N ARG B 551 14.31 -33.99 43.38
CA ARG B 551 15.73 -33.87 43.01
C ARG B 551 16.01 -35.09 42.15
N TRP B 552 16.57 -34.88 40.97
CA TRP B 552 16.81 -35.99 40.08
C TRP B 552 18.29 -36.25 39.92
N ASP B 553 19.06 -35.15 39.82
CA ASP B 553 20.50 -35.21 39.55
C ASP B 553 20.82 -36.13 38.40
N MET B 554 20.26 -35.80 37.24
CA MET B 554 20.50 -36.61 36.07
C MET B 554 21.00 -35.74 34.96
N GLU B 555 21.92 -36.28 34.18
CA GLU B 555 22.48 -35.47 33.14
C GLU B 555 22.50 -36.18 31.84
N PHE B 556 22.18 -35.40 30.78
CA PHE B 556 22.12 -35.90 29.42
C PHE B 556 23.12 -35.14 28.59
N GLU B 557 23.58 -35.79 27.55
CA GLU B 557 24.53 -35.16 26.65
C GLU B 557 24.02 -35.27 25.20
N PHE B 558 23.99 -34.13 24.54
CA PHE B 558 23.58 -34.10 23.16
C PHE B 558 24.66 -33.51 22.29
N GLU B 559 24.80 -34.05 21.08
CA GLU B 559 25.67 -33.44 20.09
C GLU B 559 24.83 -32.58 19.13
N VAL B 560 25.22 -31.34 18.94
CA VAL B 560 24.48 -30.50 18.04
C VAL B 560 25.36 -29.97 16.96
N THR B 561 25.22 -30.51 15.77
CA THR B 561 25.99 -30.07 14.66
C THR B 561 25.56 -28.65 14.14
N VAL B 562 24.32 -28.23 14.33
CA VAL B 562 23.86 -26.92 13.80
C VAL B 562 23.14 -26.05 14.83
N PRO B 563 23.90 -25.68 15.83
CA PRO B 563 23.43 -24.94 16.96
C PRO B 563 22.68 -23.74 16.59
N ASP B 564 23.02 -23.17 15.46
CA ASP B 564 22.42 -21.89 15.06
C ASP B 564 21.01 -22.00 14.70
N LEU B 565 20.60 -23.24 14.52
CA LEU B 565 19.19 -23.56 14.24
C LEU B 565 18.51 -24.34 15.37
N ALA B 566 19.24 -24.59 16.46
CA ALA B 566 18.73 -25.40 17.56
C ALA B 566 18.06 -24.62 18.67
N LEU B 567 17.18 -25.33 19.37
CA LEU B 567 16.48 -24.83 20.55
C LEU B 567 16.44 -25.99 21.53
N VAL B 568 16.44 -25.66 22.80
CA VAL B 568 16.49 -26.67 23.82
C VAL B 568 15.25 -26.56 24.64
N ARG B 569 14.58 -27.68 24.84
CA ARG B 569 13.35 -27.53 25.57
C ARG B 569 13.29 -28.36 26.78
N PHE B 570 12.87 -27.73 27.86
CA PHE B 570 12.67 -28.43 29.14
C PHE B 570 11.19 -28.59 29.42
N MET B 571 10.74 -29.82 29.57
CA MET B 571 9.33 -30.01 29.91
C MET B 571 9.11 -30.95 31.07
N VAL B 572 8.23 -30.54 31.98
CA VAL B 572 7.90 -31.32 33.15
C VAL B 572 6.48 -31.86 33.15
N GLU B 573 6.38 -33.18 33.08
CA GLU B 573 5.11 -33.88 33.08
C GLU B 573 4.87 -34.51 34.44
N ASP B 574 3.61 -34.60 34.84
CA ASP B 574 3.22 -35.33 36.05
C ASP B 574 2.91 -36.73 35.53
N TYR B 575 3.61 -37.74 36.02
CA TYR B 575 3.37 -39.11 35.56
C TYR B 575 2.11 -39.76 36.12
N ASP B 576 1.49 -40.55 35.27
CA ASP B 576 0.29 -41.29 35.62
C ASP B 576 0.36 -42.56 34.86
N SER B 577 0.25 -43.63 35.63
CA SER B 577 0.33 -44.99 35.14
C SER B 577 -0.91 -45.32 34.35
N SER B 578 -2.04 -44.78 34.84
CA SER B 578 -3.40 -44.97 34.31
C SER B 578 -3.72 -44.19 33.02
N SER B 579 -3.45 -42.90 33.03
CA SER B 579 -3.75 -42.04 31.90
C SER B 579 -2.55 -41.56 31.07
N LYS B 580 -2.67 -40.33 30.59
CA LYS B 580 -1.61 -39.68 29.82
C LYS B 580 -1.02 -38.68 30.80
N ASN B 581 0.30 -38.63 30.89
CA ASN B 581 0.97 -37.78 31.86
C ASN B 581 0.76 -36.27 31.74
N ASP B 582 0.11 -35.68 32.73
CA ASP B 582 -0.14 -34.25 32.71
C ASP B 582 1.11 -33.45 32.48
N PHE B 583 0.96 -32.40 31.72
CA PHE B 583 2.05 -31.51 31.42
C PHE B 583 1.99 -30.62 32.65
N ILE B 584 3.15 -30.26 33.24
CA ILE B 584 3.21 -29.38 34.41
C ILE B 584 3.73 -27.99 34.03
N GLY B 585 4.80 -27.97 33.23
CA GLY B 585 5.41 -26.70 32.85
C GLY B 585 6.47 -26.98 31.82
N GLN B 586 7.02 -25.91 31.24
CA GLN B 586 7.95 -26.10 30.15
C GLN B 586 8.72 -24.84 29.95
N SER B 587 9.79 -24.95 29.16
CA SER B 587 10.64 -23.83 28.77
C SER B 587 11.45 -24.15 27.56
N THR B 588 11.46 -23.19 26.64
CA THR B 588 12.23 -23.36 25.42
C THR B 588 13.22 -22.26 25.27
N ILE B 589 14.48 -22.65 25.15
CA ILE B 589 15.52 -21.65 25.04
C ILE B 589 16.27 -21.87 23.76
N PRO B 590 16.39 -20.80 22.98
CA PRO B 590 17.11 -20.86 21.72
C PRO B 590 18.56 -21.09 22.07
N TRP B 591 19.24 -21.92 21.32
CA TRP B 591 20.63 -22.21 21.58
C TRP B 591 21.56 -21.08 22.00
N ASN B 592 21.59 -20.01 21.24
CA ASN B 592 22.48 -18.91 21.54
C ASN B 592 22.10 -18.13 22.76
N SER B 593 20.93 -18.42 23.34
CA SER B 593 20.54 -17.70 24.55
C SER B 593 20.72 -18.62 25.77
N LEU B 594 21.10 -19.85 25.50
CA LEU B 594 21.31 -20.83 26.54
C LEU B 594 22.47 -20.44 27.35
N LYS B 595 22.24 -20.07 28.59
CA LYS B 595 23.34 -19.68 29.47
C LYS B 595 23.98 -20.92 30.14
N GLN B 596 25.27 -20.85 30.47
CA GLN B 596 25.93 -22.01 31.10
C GLN B 596 26.15 -21.90 32.59
N GLY B 597 26.47 -23.05 33.17
CA GLY B 597 26.71 -23.11 34.60
C GLY B 597 25.48 -23.46 35.38
N TYR B 598 25.38 -22.86 36.55
CA TYR B 598 24.27 -23.11 37.40
C TYR B 598 23.19 -22.13 37.10
N ARG B 599 22.06 -22.62 36.62
CA ARG B 599 20.96 -21.68 36.37
C ARG B 599 19.65 -22.34 36.71
N HIS B 600 18.64 -21.49 36.83
CA HIS B 600 17.27 -21.93 37.02
C HIS B 600 16.46 -21.78 35.74
N VAL B 601 15.69 -22.79 35.39
CA VAL B 601 14.87 -22.67 34.23
C VAL B 601 13.53 -22.30 34.77
N HIS B 602 13.01 -21.13 34.42
CA HIS B 602 11.69 -20.68 34.89
C HIS B 602 10.54 -21.22 34.06
N LEU B 603 9.75 -22.09 34.67
CA LEU B 603 8.68 -22.78 33.96
C LEU B 603 7.49 -21.98 33.58
N LEU B 604 6.89 -22.37 32.45
CA LEU B 604 5.69 -21.69 31.96
C LEU B 604 4.52 -22.67 31.86
N SER B 605 3.32 -22.11 32.05
CA SER B 605 2.07 -22.85 31.93
C SER B 605 1.86 -23.20 30.46
N LYS B 606 0.83 -23.98 30.16
CA LYS B 606 0.52 -24.39 28.76
C LYS B 606 0.09 -23.20 27.89
N ASN B 607 -0.35 -22.11 28.53
CA ASN B 607 -0.77 -20.90 27.85
C ASN B 607 0.35 -19.85 27.73
N GLY B 608 1.56 -20.25 28.10
CA GLY B 608 2.70 -19.36 27.99
C GLY B 608 2.85 -18.39 29.13
N ASP B 609 2.08 -18.59 30.17
CA ASP B 609 2.21 -17.72 31.31
C ASP B 609 3.35 -18.12 32.24
N GLN B 610 3.94 -17.12 32.86
CA GLN B 610 5.04 -17.33 33.78
C GLN B 610 4.58 -17.92 35.14
N HIS B 611 5.24 -18.99 35.58
CA HIS B 611 4.91 -19.65 36.84
C HIS B 611 5.87 -19.09 37.84
N PRO B 612 5.42 -18.05 38.53
CA PRO B 612 6.18 -17.30 39.55
C PRO B 612 7.30 -18.10 40.32
N SER B 613 6.95 -19.22 40.95
CA SER B 613 7.92 -19.98 41.73
C SER B 613 8.27 -21.34 41.21
N ALA B 614 7.90 -21.64 39.99
CA ALA B 614 8.24 -22.96 39.51
C ALA B 614 9.49 -22.83 38.66
N THR B 615 10.48 -23.65 38.99
CA THR B 615 11.76 -23.62 38.32
C THR B 615 12.35 -25.00 38.40
N LEU B 616 13.33 -25.23 37.54
CA LEU B 616 14.14 -26.42 37.51
C LEU B 616 15.50 -25.79 37.74
N PHE B 617 16.35 -26.50 38.44
CA PHE B 617 17.66 -25.95 38.70
C PHE B 617 18.55 -26.88 37.99
N VAL B 618 19.38 -26.33 37.10
CA VAL B 618 20.27 -27.13 36.27
C VAL B 618 21.71 -26.62 36.17
N LYS B 619 22.55 -27.47 35.60
CA LYS B 619 23.93 -27.08 35.32
C LYS B 619 24.23 -27.39 33.87
N ILE B 620 24.33 -26.30 33.09
CA ILE B 620 24.55 -26.37 31.64
C ILE B 620 25.97 -26.17 31.27
N SER B 621 26.42 -26.94 30.32
CA SER B 621 27.78 -26.76 29.83
C SER B 621 27.83 -27.14 28.38
N ILE B 622 28.37 -26.23 27.58
CA ILE B 622 28.47 -26.36 26.12
C ILE B 622 29.91 -26.28 25.72
N GLN B 623 30.34 -27.19 24.86
CA GLN B 623 31.71 -27.20 24.40
C GLN B 623 31.87 -27.85 23.04
N ASP B 624 33.04 -27.67 22.46
CA ASP B 624 33.34 -28.22 21.14
C ASP B 624 33.52 -29.73 20.97
CA CA C . -16.36 16.21 -45.89
CA CA D . -36.24 17.64 -6.89
C ACT E . -22.65 16.68 -22.53
O ACT E . -22.02 17.69 -22.93
OXT ACT E . -22.09 15.66 -22.03
CH3 ACT E . -24.18 16.70 -22.67
C1 IP2 F . -17.25 11.82 -44.52
C2 IP2 F . -16.61 13.16 -44.14
C3 IP2 F . -15.10 12.86 -43.94
C4 IP2 F . -14.35 12.68 -45.28
C5 IP2 F . -15.08 11.52 -46.07
C6 IP2 F . -16.64 11.38 -45.89
O1 IP2 F . -18.64 12.06 -44.64
O2 IP2 F . -16.89 13.95 -45.31
O3 IP2 F . -14.43 13.72 -43.02
O4 IP2 F . -12.90 12.50 -45.14
O5 IP2 F . -14.77 11.62 -47.48
O6 IP2 F . -17.03 10.03 -46.22
P4 IP2 F . -11.67 13.13 -46.07
O41 IP2 F . -11.62 12.51 -47.57
O42 IP2 F . -10.23 12.79 -45.42
O43 IP2 F . -11.80 14.74 -46.18
P5 IP2 F . -14.69 10.33 -48.47
O51 IP2 F . -14.82 8.97 -47.58
O52 IP2 F . -15.90 10.35 -49.55
O53 IP2 F . -13.30 10.33 -49.31
CA CA G . -7.81 -17.52 6.44
CA CA H . 0.61 -38.55 43.76
C ACT I . 2.26 -28.35 26.11
O ACT I . 2.40 -27.11 26.18
OXT ACT I . 3.17 -29.11 25.69
CH3 ACT I . 0.91 -28.94 26.57
C1 IP2 J . -6.30 -20.95 4.83
C2 IP2 J . -5.60 -19.91 5.71
C3 IP2 J . -4.43 -19.08 5.10
C4 IP2 J . -4.62 -18.61 3.63
C5 IP2 J . -5.15 -19.76 2.72
C6 IP2 J . -6.38 -20.51 3.34
O1 IP2 J . -7.61 -20.93 5.43
O2 IP2 J . -6.68 -19.07 6.13
O3 IP2 J . -4.46 -17.88 5.83
O4 IP2 J . -3.46 -17.93 3.06
O5 IP2 J . -5.64 -19.03 1.55
O6 IP2 J . -6.77 -21.59 2.47
P4 IP2 J . -3.27 -16.34 2.56
O41 IP2 J . -4.42 -15.36 3.17
O42 IP2 J . -3.30 -16.24 0.93
O43 IP2 J . -1.83 -15.76 3.01
P5 IP2 J . -5.09 -19.06 0.01
O51 IP2 J . -5.73 -20.37 -0.68
O52 IP2 J . -5.65 -17.74 -0.78
O53 IP2 J . -3.47 -19.10 -0.07
#